data_9MGN
#
_entry.id   9MGN
#
_cell.length_a   101.650
_cell.length_b   137.840
_cell.length_c   179.090
_cell.angle_alpha   90.00
_cell.angle_beta   90.00
_cell.angle_gamma   90.00
#
_symmetry.space_group_name_H-M   'I 2 2 2'
#
loop_
_entity.id
_entity.type
_entity.pdbx_description
1 polymer 'Protein arginine N-methyltransferase 5'
2 polymer 'Methylosome protein 50'
3 non-polymer 2-(cyclobutylamino)-N-[(2S)-2-hydroxy-3-{6-[(1H-pyrazol-4-yl)methoxy]-3,4-dihydroisoquinolin-2(1H)-yl}propyl]pyridine-4-carboxamide
4 non-polymer "5'-DEOXY-5'-METHYLTHIOADENOSINE"
5 non-polymer GLYCEROL
6 non-polymer 1,2-ETHANEDIOL
7 water water
#
loop_
_entity_poly.entity_id
_entity_poly.type
_entity_poly.pdbx_seq_one_letter_code
_entity_poly.pdbx_strand_id
1 'polypeptide(L)'
;MDYKDDDDKAAMAVGGAGGSRVSSGRDLNCVPEIADTLGAVAKQGFDFLCMPVFHPRFKREFIQEPAKNRPGPQTRSDLL
LSGRDWNTLIVGKLSPWIRPDSKVEKIRRNSEAAMLQELNFGAYLGLPAFLLPLNQEDNTNLARVLTNHIHTGHHSSMFW
MRVPLVAPEDLRDDIIENAPTTHTEEYSGEEKTWMWWHNFRTLCDYSKRIAVALEIGADLPSNHVIDRWLGEPIKAAILP
TSIFLTNKKGFPVLSKMHQRLIFRLLKLEVQFIITGTNHHSEKEFCSYLQYLEYLSQNRPPPNAYELFAKGYEDYLQSPL
QPLMDNLESQTYEVFEKDPIKYSQYQQAIYKCLLDRVPEEEKDTNVQVLMVLGAGRGPLVNASLRAAKQADRRIKLYAVE
KNPNAVVTLENWQFEEWGSQVTVVSSDMREWVAPEKADIIVSELLGSFADNELSPECLDGAQHFLKDDGVSIPGEYTSFL
APISSSKLYNEVRACREKDRDPEAQFEMPYVVRLHNFHQLSAPQPCFTFSHPNRDPMIDNNRYCTLEFPVEVNTVLHGFA
GYFETVLYQDITLSIRPETHSPGMFSWFPILFPIKQPITVREGQTICVRFWRCSNSKKVWYEWAVTAPVCSAIHNPTGRS
YTIGL
;
A
2 'polypeptide(L)'
;MHHHHHHHHRKETPPPLVPPAAREWNLPPNAPACMERQLEAARYRSDGALLLGASSLSGRCWAGSLWLFKDPCAAPNEGF
CSAGVQTEAGVADLTWVGERGILVASDSGAVELWELDENETLIVSKFCKYEHDDIVSTVSVLSSGTQAVSGSKDICIKVW
DLAQQVVLSSYRAHAAQVTCVAASPHKDSVFLSCSEDNRILLWDTRCPKPASQIGCSAPGYLPTSLAWHPQQSEVFVFGD
ENGTVSLVDTKSTSCVLSSAVHSQCVTGLVFSPHSVPFLASLSEDCSLAVLDSSLSELFRSQAHRDFVRDATWSPLNHSL
LTTVGWDHQVVHHVVPTEPLPAPGPASVTE
;
B
#
loop_
_chem_comp.id
_chem_comp.type
_chem_comp.name
_chem_comp.formula
A1BLK non-polymer 2-(cyclobutylamino)-N-[(2S)-2-hydroxy-3-{6-[(1H-pyrazol-4-yl)methoxy]-3,4-dihydroisoquinolin-2(1H)-yl}propyl]pyridine-4-carboxamide 'C26 H32 N6 O3'
EDO non-polymer 1,2-ETHANEDIOL 'C2 H6 O2'
GOL non-polymer GLYCEROL 'C3 H8 O3'
MTA non-polymer 5'-DEOXY-5'-METHYLTHIOADENOSINE 'C11 H15 N5 O3 S'
#
# COMPACT_ATOMS: atom_id res chain seq x y z
N ARG A 21 8.88 -7.50 -17.94
CA ARG A 21 7.49 -6.93 -18.09
C ARG A 21 6.84 -6.67 -16.73
N VAL A 22 7.36 -7.29 -15.66
CA VAL A 22 6.85 -7.13 -14.27
C VAL A 22 7.99 -6.55 -13.42
N SER A 23 7.72 -5.43 -12.73
CA SER A 23 8.64 -4.84 -11.72
C SER A 23 8.30 -5.44 -10.36
N SER A 24 9.32 -5.97 -9.68
CA SER A 24 9.19 -6.73 -8.40
C SER A 24 10.52 -6.69 -7.63
N GLY A 25 10.43 -6.52 -6.31
CA GLY A 25 11.57 -6.50 -5.39
C GLY A 25 11.38 -7.47 -4.26
N ARG A 26 12.33 -7.53 -3.32
CA ARG A 26 12.39 -8.53 -2.22
C ARG A 26 12.52 -7.80 -0.88
N ASP A 27 11.62 -8.09 0.06
CA ASP A 27 11.69 -7.60 1.46
C ASP A 27 12.55 -8.56 2.27
N LEU A 28 13.57 -8.03 2.96
CA LEU A 28 14.38 -8.75 3.97
C LEU A 28 14.46 -7.88 5.23
N ASN A 29 14.33 -8.48 6.41
CA ASN A 29 14.54 -7.80 7.71
C ASN A 29 15.89 -8.26 8.27
N CYS A 30 16.73 -8.85 7.43
CA CYS A 30 18.08 -9.38 7.77
C CYS A 30 19.04 -9.15 6.59
N VAL A 31 20.12 -8.40 6.82
CA VAL A 31 21.20 -8.11 5.82
C VAL A 31 22.55 -8.11 6.55
N PRO A 32 23.34 -9.21 6.48
CA PRO A 32 24.67 -9.26 7.07
C PRO A 32 25.68 -8.39 6.30
N GLU A 33 25.77 -8.62 4.99
CA GLU A 33 26.70 -7.92 4.05
C GLU A 33 25.86 -7.34 2.91
N ILE A 34 25.63 -6.02 2.92
CA ILE A 34 24.77 -5.30 1.93
C ILE A 34 25.32 -5.52 0.51
N ALA A 35 26.64 -5.67 0.37
CA ALA A 35 27.34 -6.02 -0.89
C ALA A 35 26.80 -7.33 -1.48
N ASP A 36 26.92 -8.43 -0.73
CA ASP A 36 26.60 -9.81 -1.19
C ASP A 36 25.08 -9.99 -1.28
N THR A 37 24.36 -9.52 -0.26
CA THR A 37 22.88 -9.59 -0.14
C THR A 37 22.22 -8.99 -1.40
N LEU A 38 22.55 -7.75 -1.74
CA LEU A 38 22.00 -7.05 -2.93
C LEU A 38 22.43 -7.79 -4.20
N GLY A 39 23.66 -8.30 -4.22
CA GLY A 39 24.22 -9.12 -5.32
C GLY A 39 23.42 -10.38 -5.55
N ALA A 40 23.03 -11.07 -4.47
CA ALA A 40 22.19 -12.29 -4.49
C ALA A 40 20.82 -11.97 -5.10
N VAL A 41 20.08 -11.01 -4.53
CA VAL A 41 18.65 -10.78 -4.87
C VAL A 41 18.56 -10.32 -6.33
N ALA A 42 19.57 -9.61 -6.85
CA ALA A 42 19.66 -9.20 -8.26
C ALA A 42 19.91 -10.42 -9.14
N LYS A 43 20.76 -11.35 -8.69
CA LYS A 43 21.08 -12.63 -9.37
C LYS A 43 19.84 -13.53 -9.39
N GLN A 44 18.92 -13.34 -8.42
CA GLN A 44 17.63 -14.07 -8.31
C GLN A 44 16.60 -13.49 -9.31
N GLY A 45 16.82 -12.28 -9.82
CA GLY A 45 16.00 -11.67 -10.88
C GLY A 45 15.09 -10.56 -10.38
N PHE A 46 15.36 -9.99 -9.21
CA PHE A 46 14.60 -8.87 -8.60
C PHE A 46 15.08 -7.54 -9.18
N ASP A 47 14.28 -6.47 -9.00
CA ASP A 47 14.55 -5.10 -9.51
C ASP A 47 15.04 -4.20 -8.37
N PHE A 48 14.72 -4.53 -7.11
CA PHE A 48 15.03 -3.69 -5.93
C PHE A 48 14.91 -4.53 -4.65
N LEU A 49 15.40 -3.97 -3.54
CA LEU A 49 15.53 -4.65 -2.23
C LEU A 49 15.00 -3.71 -1.13
N CYS A 50 13.97 -4.14 -0.41
CA CYS A 50 13.46 -3.47 0.82
C CYS A 50 14.25 -4.02 2.02
N MET A 51 14.98 -3.15 2.73
CA MET A 51 15.88 -3.56 3.83
C MET A 51 15.96 -2.46 4.89
N PRO A 52 16.51 -2.77 6.08
CA PRO A 52 16.67 -1.77 7.14
C PRO A 52 17.86 -0.86 6.85
N VAL A 53 17.79 0.41 7.25
CA VAL A 53 18.91 1.39 7.13
C VAL A 53 19.73 1.34 8.43
N PHE A 54 19.06 1.13 9.57
CA PHE A 54 19.68 0.75 10.88
C PHE A 54 19.27 -0.69 11.22
N HIS A 55 20.09 -1.40 11.98
CA HIS A 55 19.80 -2.80 12.41
C HIS A 55 18.49 -2.81 13.23
N PRO A 56 17.49 -3.62 12.79
CA PRO A 56 16.16 -3.61 13.39
C PRO A 56 16.08 -3.81 14.92
N ARG A 57 17.06 -4.50 15.49
CA ARG A 57 17.13 -4.84 16.93
C ARG A 57 17.99 -3.82 17.69
N PHE A 58 18.60 -2.86 16.98
CA PHE A 58 19.54 -1.86 17.53
C PHE A 58 18.75 -0.63 18.01
N LYS A 59 18.05 -0.76 19.14
CA LYS A 59 17.36 0.38 19.79
C LYS A 59 18.41 1.46 20.12
N ARG A 60 18.00 2.73 20.07
CA ARG A 60 18.84 3.90 20.42
C ARG A 60 18.10 4.72 21.49
N GLU A 61 18.83 5.20 22.49
CA GLU A 61 18.36 6.18 23.50
C GLU A 61 18.85 7.57 23.08
N PHE A 62 18.00 8.59 23.23
CA PHE A 62 18.26 9.97 22.72
C PHE A 62 18.27 11.00 23.87
N ILE A 63 17.93 10.63 25.11
CA ILE A 63 17.77 11.60 26.24
C ILE A 63 18.59 11.16 27.47
N GLN A 64 18.43 9.92 27.94
CA GLN A 64 18.95 9.47 29.27
C GLN A 64 20.35 8.88 29.13
N GLU A 65 21.32 9.48 29.84
CA GLU A 65 22.68 8.93 30.06
C GLU A 65 22.56 7.66 30.90
N PRO A 66 23.43 6.63 30.72
CA PRO A 66 24.54 6.68 29.77
C PRO A 66 24.21 6.26 28.33
N ALA A 67 23.15 5.47 28.12
CA ALA A 67 22.74 4.89 26.81
C ALA A 67 22.82 5.96 25.71
N LYS A 68 22.44 7.19 26.04
CA LYS A 68 22.54 8.42 25.19
C LYS A 68 23.90 8.45 24.47
N ASN A 69 25.00 8.39 25.22
CA ASN A 69 26.38 8.65 24.72
C ASN A 69 27.01 7.36 24.17
N ARG A 70 26.20 6.44 23.63
CA ARG A 70 26.71 5.18 23.00
C ARG A 70 27.65 5.56 21.87
N PRO A 71 28.94 5.14 21.93
CA PRO A 71 29.87 5.33 20.81
C PRO A 71 29.31 4.85 19.47
N GLY A 72 29.73 5.48 18.37
CA GLY A 72 29.34 5.13 17.00
C GLY A 72 30.20 4.00 16.44
N PRO A 73 30.06 3.62 15.15
CA PRO A 73 29.07 4.20 14.25
C PRO A 73 27.63 3.77 14.56
N GLN A 74 26.66 4.64 14.30
CA GLN A 74 25.22 4.39 14.62
C GLN A 74 24.59 3.45 13.58
N THR A 75 25.21 3.27 12.41
CA THR A 75 24.78 2.31 11.36
C THR A 75 25.94 2.05 10.39
N ARG A 76 25.70 1.24 9.34
CA ARG A 76 26.74 0.90 8.32
C ARG A 76 26.92 2.11 7.38
N SER A 77 28.05 2.17 6.68
CA SER A 77 28.50 3.31 5.85
C SER A 77 27.71 3.38 4.54
N ASP A 78 27.56 4.59 3.99
CA ASP A 78 26.88 4.87 2.68
C ASP A 78 27.87 4.62 1.53
N LEU A 79 29.12 4.32 1.86
CA LEU A 79 30.21 4.08 0.87
C LEU A 79 30.08 2.68 0.29
N LEU A 80 29.37 1.78 0.98
CA LEU A 80 29.28 0.34 0.61
C LEU A 80 28.55 0.19 -0.74
N LEU A 81 27.63 1.11 -1.08
CA LEU A 81 26.93 1.14 -2.39
C LEU A 81 27.18 2.47 -3.12
N SER A 82 26.99 2.46 -4.44
CA SER A 82 27.02 3.65 -5.33
C SER A 82 25.73 4.46 -5.12
N GLY A 83 25.79 5.76 -5.44
CA GLY A 83 24.60 6.63 -5.56
C GLY A 83 23.54 5.99 -6.44
N ARG A 84 23.92 5.52 -7.64
CA ARG A 84 22.99 4.88 -8.60
C ARG A 84 22.25 3.74 -7.89
N ASP A 85 22.98 2.94 -7.10
CA ASP A 85 22.42 1.77 -6.37
C ASP A 85 21.45 2.27 -5.28
N TRP A 86 21.83 3.28 -4.50
CA TRP A 86 20.98 3.88 -3.43
C TRP A 86 19.70 4.47 -4.04
N ASN A 87 19.82 5.12 -5.20
CA ASN A 87 18.73 5.91 -5.84
C ASN A 87 17.70 4.98 -6.49
N THR A 88 18.07 3.75 -6.83
CA THR A 88 17.25 2.85 -7.69
C THR A 88 16.89 1.55 -6.96
N LEU A 89 17.84 0.87 -6.31
CA LEU A 89 17.69 -0.54 -5.88
C LEU A 89 17.24 -0.67 -4.41
N ILE A 90 17.47 0.34 -3.57
CA ILE A 90 17.22 0.24 -2.10
C ILE A 90 15.93 0.96 -1.72
N VAL A 91 15.13 0.32 -0.87
CA VAL A 91 13.91 0.87 -0.22
C VAL A 91 14.07 0.74 1.29
N GLY A 92 14.10 1.86 2.02
CA GLY A 92 14.28 1.89 3.48
C GLY A 92 13.10 1.26 4.20
N LYS A 93 13.36 0.71 5.38
CA LYS A 93 12.34 0.21 6.33
C LYS A 93 12.59 0.86 7.69
N LEU A 94 11.61 1.59 8.22
CA LEU A 94 11.58 2.07 9.62
C LEU A 94 11.80 0.88 10.54
N SER A 95 12.80 0.94 11.43
CA SER A 95 13.10 -0.13 12.42
C SER A 95 11.81 -0.45 13.17
N PRO A 96 11.50 -1.74 13.40
CA PRO A 96 10.20 -2.14 13.95
C PRO A 96 9.96 -1.67 15.40
N TRP A 97 11.04 -1.36 16.12
CA TRP A 97 11.01 -0.95 17.55
C TRP A 97 10.46 0.48 17.69
N ILE A 98 10.45 1.25 16.60
CA ILE A 98 9.98 2.66 16.55
C ILE A 98 8.46 2.67 16.62
N ARG A 99 7.90 3.12 17.75
CA ARG A 99 6.44 3.14 18.03
C ARG A 99 6.06 4.53 18.53
N PRO A 100 5.88 5.50 17.60
CA PRO A 100 5.65 6.91 17.98
C PRO A 100 4.34 7.15 18.74
N ASP A 101 3.44 6.17 18.75
CA ASP A 101 2.08 6.29 19.33
C ASP A 101 1.95 5.45 20.61
N SER A 102 3.06 4.90 21.11
CA SER A 102 3.15 4.29 22.47
C SER A 102 2.43 5.20 23.48
N LYS A 103 1.82 4.60 24.50
CA LYS A 103 1.19 5.32 25.63
C LYS A 103 2.24 5.58 26.72
N VAL A 104 3.50 5.17 26.48
CA VAL A 104 4.65 5.39 27.40
C VAL A 104 5.42 6.63 26.94
N GLU A 105 5.51 7.66 27.79
CA GLU A 105 6.14 8.97 27.50
C GLU A 105 7.52 8.76 26.86
N LYS A 106 8.39 7.97 27.49
CA LYS A 106 9.83 7.82 27.12
C LYS A 106 9.95 7.15 25.74
N ILE A 107 9.19 6.08 25.50
CA ILE A 107 9.24 5.30 24.23
C ILE A 107 8.77 6.20 23.07
N ARG A 108 7.79 7.05 23.35
CA ARG A 108 7.19 7.99 22.37
C ARG A 108 8.28 8.95 21.88
N ARG A 109 8.92 9.68 22.81
CA ARG A 109 9.98 10.68 22.52
C ARG A 109 11.15 10.01 21.79
N ASN A 110 11.55 8.80 22.20
CA ASN A 110 12.69 8.05 21.60
C ASN A 110 12.36 7.64 20.16
N SER A 111 11.10 7.24 19.91
CA SER A 111 10.60 6.84 18.58
C SER A 111 10.41 8.07 17.69
N GLU A 112 10.03 9.21 18.27
CA GLU A 112 9.95 10.52 17.57
C GLU A 112 11.34 10.83 16.98
N ALA A 113 12.37 10.81 17.83
CA ALA A 113 13.79 11.06 17.46
C ALA A 113 14.30 9.99 16.49
N ALA A 114 14.01 8.71 16.79
CA ALA A 114 14.45 7.53 15.99
C ALA A 114 13.94 7.65 14.55
N MET A 115 12.68 8.04 14.38
CA MET A 115 11.98 8.14 13.07
C MET A 115 12.63 9.23 12.20
N LEU A 116 12.80 10.44 12.75
CA LEU A 116 13.49 11.55 12.04
C LEU A 116 14.89 11.06 11.66
N GLN A 117 15.61 10.48 12.63
CA GLN A 117 16.94 9.86 12.40
C GLN A 117 16.87 8.90 11.20
N GLU A 118 15.90 7.98 11.20
CA GLU A 118 15.79 6.94 10.14
C GLU A 118 15.39 7.60 8.81
N LEU A 119 14.38 8.48 8.81
CA LEU A 119 13.87 9.17 7.59
C LEU A 119 14.96 10.09 7.00
N ASN A 120 15.62 10.88 7.86
CA ASN A 120 16.72 11.80 7.48
C ASN A 120 17.82 11.01 6.77
N PHE A 121 18.21 9.86 7.33
CA PHE A 121 19.27 9.00 6.76
C PHE A 121 18.85 8.49 5.37
N GLY A 122 17.55 8.25 5.16
CA GLY A 122 17.01 7.82 3.86
C GLY A 122 17.14 8.92 2.82
N ALA A 123 16.85 10.17 3.22
CA ALA A 123 17.03 11.39 2.41
C ALA A 123 18.51 11.54 2.03
N TYR A 124 19.41 11.43 3.02
CA TYR A 124 20.89 11.48 2.84
C TYR A 124 21.32 10.50 1.75
N LEU A 125 20.89 9.23 1.83
CA LEU A 125 21.22 8.19 0.82
C LEU A 125 20.55 8.53 -0.51
N GLY A 126 19.39 9.20 -0.46
CA GLY A 126 18.57 9.54 -1.63
C GLY A 126 17.82 8.33 -2.13
N LEU A 127 17.15 7.61 -1.22
CA LEU A 127 16.38 6.38 -1.57
C LEU A 127 15.13 6.81 -2.32
N PRO A 128 14.69 6.03 -3.34
CA PRO A 128 13.50 6.38 -4.11
C PRO A 128 12.21 6.30 -3.27
N ALA A 129 12.18 5.40 -2.29
CA ALA A 129 11.00 5.10 -1.44
C ALA A 129 11.44 4.57 -0.07
N PHE A 130 10.58 4.71 0.94
CA PHE A 130 10.81 4.32 2.36
C PHE A 130 9.52 3.71 2.92
N LEU A 131 9.62 2.52 3.53
CA LEU A 131 8.46 1.74 4.05
C LEU A 131 8.18 2.11 5.51
N LEU A 132 6.91 2.39 5.82
CA LEU A 132 6.42 2.65 7.21
C LEU A 132 5.21 1.77 7.48
N PRO A 133 5.11 1.18 8.69
CA PRO A 133 3.94 0.36 9.05
C PRO A 133 2.68 1.15 9.47
N LEU A 134 1.52 0.71 8.99
CA LEU A 134 0.19 0.92 9.62
C LEU A 134 -0.35 -0.45 10.06
N ASN A 135 -0.15 -0.78 11.34
CA ASN A 135 -0.50 -2.11 11.93
C ASN A 135 -1.37 -1.92 13.18
N GLN A 136 -1.62 -0.68 13.60
CA GLN A 136 -2.67 -0.32 14.59
C GLN A 136 -3.51 0.83 14.00
N GLU A 137 -4.51 1.31 14.76
CA GLU A 137 -5.57 2.24 14.29
C GLU A 137 -5.15 3.70 14.51
N ASP A 138 -4.47 3.98 15.64
CA ASP A 138 -4.05 5.35 16.03
C ASP A 138 -2.60 5.57 15.60
N ASN A 139 -2.40 6.35 14.52
CA ASN A 139 -1.06 6.68 13.97
C ASN A 139 -0.99 8.21 13.82
N THR A 140 -1.63 8.92 14.76
CA THR A 140 -1.78 10.38 14.82
C THR A 140 -0.40 11.04 14.99
N ASN A 141 0.49 10.43 15.80
CA ASN A 141 1.84 10.97 16.10
C ASN A 141 2.81 10.54 14.99
N LEU A 142 2.67 9.33 14.44
CA LEU A 142 3.46 8.83 13.28
C LEU A 142 3.21 9.77 12.08
N ALA A 143 1.95 10.15 11.85
CA ALA A 143 1.55 11.06 10.76
C ALA A 143 2.20 12.43 10.96
N ARG A 144 2.20 12.96 12.19
CA ARG A 144 2.73 14.32 12.48
C ARG A 144 4.23 14.37 12.22
N VAL A 145 4.99 13.42 12.75
CA VAL A 145 6.47 13.33 12.55
C VAL A 145 6.74 13.34 11.04
N LEU A 146 6.06 12.46 10.28
CA LEU A 146 6.20 12.33 8.81
C LEU A 146 5.81 13.64 8.13
N THR A 147 4.67 14.22 8.51
CA THR A 147 4.17 15.52 7.99
C THR A 147 5.23 16.61 8.19
N ASN A 148 5.82 16.69 9.39
CA ASN A 148 6.91 17.66 9.70
C ASN A 148 8.11 17.33 8.81
N HIS A 149 8.45 16.04 8.63
CA HIS A 149 9.60 15.58 7.80
C HIS A 149 9.39 15.98 6.33
N ILE A 150 8.17 15.84 5.81
CA ILE A 150 7.84 16.13 4.39
C ILE A 150 7.92 17.64 4.15
N HIS A 151 7.52 18.45 5.13
CA HIS A 151 7.55 19.94 5.07
C HIS A 151 8.89 20.49 5.56
N THR A 152 9.79 19.63 6.04
CA THR A 152 11.14 20.00 6.51
C THR A 152 12.18 19.53 5.48
N GLY A 153 12.92 20.48 4.91
CA GLY A 153 13.86 20.22 3.81
C GLY A 153 13.13 19.96 2.51
N HIS A 154 13.86 19.77 1.43
CA HIS A 154 13.33 19.53 0.07
C HIS A 154 13.90 18.24 -0.51
N HIS A 155 13.01 17.30 -0.83
CA HIS A 155 13.32 15.98 -1.43
C HIS A 155 12.01 15.45 -2.03
N SER A 156 12.10 14.46 -2.91
CA SER A 156 10.92 13.82 -3.54
C SER A 156 11.04 12.31 -3.44
N SER A 157 11.62 11.82 -2.33
CA SER A 157 11.51 10.40 -1.92
C SER A 157 10.03 10.05 -1.83
N MET A 158 9.71 8.78 -1.88
CA MET A 158 8.31 8.29 -1.74
C MET A 158 8.19 7.57 -0.40
N PHE A 159 6.97 7.54 0.16
CA PHE A 159 6.65 6.86 1.44
C PHE A 159 5.57 5.81 1.20
N TRP A 160 6.00 4.54 1.22
CA TRP A 160 5.14 3.35 1.09
C TRP A 160 4.63 2.95 2.47
N MET A 161 3.34 3.14 2.72
CA MET A 161 2.66 2.74 3.99
C MET A 161 2.26 1.28 3.88
N ARG A 162 2.82 0.43 4.75
CA ARG A 162 2.54 -1.03 4.83
C ARG A 162 1.22 -1.23 5.56
N VAL A 163 0.14 -1.46 4.79
CA VAL A 163 -1.23 -1.71 5.32
C VAL A 163 -1.67 -3.10 4.86
N PRO A 164 -2.16 -3.96 5.79
CA PRO A 164 -2.67 -5.28 5.43
C PRO A 164 -4.14 -5.21 4.98
N LEU A 165 -4.52 -6.07 4.03
CA LEU A 165 -5.92 -6.23 3.58
C LEU A 165 -6.81 -6.52 4.79
N VAL A 166 -6.29 -7.34 5.72
CA VAL A 166 -7.00 -7.87 6.91
C VAL A 166 -6.09 -7.65 8.13
N ALA A 167 -6.58 -6.91 9.14
CA ALA A 167 -5.84 -6.59 10.38
C ALA A 167 -5.21 -7.88 10.93
N PRO A 168 -4.03 -7.82 11.59
CA PRO A 168 -3.42 -9.05 12.12
C PRO A 168 -4.33 -9.71 13.17
N GLU A 169 -5.11 -8.89 13.88
CA GLU A 169 -6.08 -9.31 14.94
C GLU A 169 -7.15 -10.23 14.36
N ASP A 170 -7.62 -9.99 13.14
CA ASP A 170 -8.75 -10.73 12.50
C ASP A 170 -8.18 -11.81 11.57
N LEU A 171 -6.89 -12.12 11.68
CA LEU A 171 -6.18 -13.17 10.90
C LEU A 171 -5.68 -14.27 11.86
N ARG A 172 -5.74 -14.02 13.17
CA ARG A 172 -5.16 -14.90 14.21
C ARG A 172 -6.01 -16.18 14.29
N ASP A 173 -5.35 -17.32 14.57
CA ASP A 173 -6.01 -18.64 14.73
C ASP A 173 -6.92 -18.59 15.97
N ASP A 174 -8.10 -19.22 15.92
CA ASP A 174 -9.08 -19.21 17.04
C ASP A 174 -8.65 -20.27 18.05
N ILE A 175 -7.68 -19.92 18.90
CA ILE A 175 -6.97 -20.86 19.81
C ILE A 175 -6.72 -20.19 21.17
N ILE A 176 -7.32 -19.03 21.43
CA ILE A 176 -7.32 -18.38 22.78
C ILE A 176 -8.68 -18.71 23.43
N GLU A 177 -8.66 -19.68 24.35
CA GLU A 177 -9.84 -20.38 24.90
C GLU A 177 -10.78 -19.36 25.56
N ASN A 178 -10.25 -18.30 26.21
CA ASN A 178 -11.03 -17.35 27.04
C ASN A 178 -11.17 -15.99 26.35
N ALA A 179 -10.89 -15.91 25.05
CA ALA A 179 -11.07 -14.72 24.19
C ALA A 179 -11.15 -15.19 22.74
N PRO A 180 -12.33 -15.68 22.30
CA PRO A 180 -12.47 -16.32 20.99
C PRO A 180 -12.69 -15.28 19.88
N THR A 181 -12.53 -15.70 18.63
CA THR A 181 -12.65 -14.86 17.42
C THR A 181 -14.15 -14.73 17.08
N THR A 182 -14.74 -13.56 17.37
CA THR A 182 -16.21 -13.30 17.22
C THR A 182 -16.60 -13.53 15.76
N HIS A 183 -17.25 -14.67 15.48
CA HIS A 183 -17.55 -15.18 14.10
C HIS A 183 -18.65 -14.35 13.42
N THR A 184 -19.32 -13.45 14.16
CA THR A 184 -20.56 -12.73 13.74
C THR A 184 -20.31 -11.86 12.49
N GLU A 185 -21.39 -11.61 11.73
CA GLU A 185 -21.45 -10.66 10.57
C GLU A 185 -20.84 -9.32 10.98
N GLU A 186 -19.76 -8.89 10.32
CA GLU A 186 -19.04 -7.62 10.59
C GLU A 186 -18.66 -6.96 9.25
N TYR A 187 -19.54 -6.09 8.72
CA TYR A 187 -19.34 -5.38 7.43
C TYR A 187 -18.30 -4.26 7.62
N SER A 188 -18.60 -3.33 8.53
CA SER A 188 -17.76 -2.13 8.83
C SER A 188 -16.51 -2.55 9.62
N GLY A 189 -16.56 -3.71 10.27
CA GLY A 189 -15.43 -4.32 11.01
C GLY A 189 -14.29 -4.72 10.10
N GLU A 190 -14.57 -5.46 9.03
CA GLU A 190 -13.55 -6.13 8.17
C GLU A 190 -13.02 -5.15 7.11
N GLU A 191 -13.41 -3.88 7.17
CA GLU A 191 -12.91 -2.77 6.31
C GLU A 191 -11.89 -1.93 7.08
N LYS A 192 -11.74 -2.16 8.39
CA LYS A 192 -11.14 -1.20 9.36
C LYS A 192 -9.73 -0.79 8.95
N THR A 193 -8.96 -1.66 8.28
CA THR A 193 -7.56 -1.37 7.85
C THR A 193 -7.53 -0.22 6.83
N TRP A 194 -8.64 0.00 6.13
CA TRP A 194 -8.77 1.12 5.15
C TRP A 194 -8.94 2.44 5.91
N MET A 195 -9.74 2.45 6.99
CA MET A 195 -9.95 3.65 7.85
C MET A 195 -8.64 4.02 8.54
N TRP A 196 -7.81 3.02 8.85
CA TRP A 196 -6.42 3.20 9.34
C TRP A 196 -5.67 4.14 8.38
N TRP A 197 -5.67 3.79 7.09
CA TRP A 197 -4.94 4.49 6.00
C TRP A 197 -5.58 5.85 5.73
N HIS A 198 -6.90 5.86 5.53
CA HIS A 198 -7.72 7.07 5.23
C HIS A 198 -7.51 8.13 6.32
N ASN A 199 -7.52 7.72 7.59
CA ASN A 199 -7.26 8.61 8.74
C ASN A 199 -5.84 9.15 8.63
N PHE A 200 -4.88 8.29 8.27
CA PHE A 200 -3.43 8.62 8.22
C PHE A 200 -3.20 9.68 7.13
N ARG A 201 -3.60 9.38 5.88
CA ARG A 201 -3.37 10.27 4.71
C ARG A 201 -4.16 11.58 4.88
N THR A 202 -5.34 11.55 5.52
CA THR A 202 -6.16 12.75 5.80
C THR A 202 -5.37 13.72 6.69
N LEU A 203 -4.75 13.21 7.76
CA LEU A 203 -3.92 13.99 8.71
C LEU A 203 -2.77 14.66 7.94
N CYS A 204 -2.29 14.00 6.89
CA CYS A 204 -1.16 14.44 6.01
C CYS A 204 -1.70 15.15 4.76
N ASP A 205 -2.86 15.81 4.89
CA ASP A 205 -3.58 16.57 3.83
C ASP A 205 -3.23 15.99 2.44
N TYR A 206 -3.43 14.67 2.27
CA TYR A 206 -3.36 13.95 0.97
C TYR A 206 -2.03 14.23 0.25
N SER A 207 -0.91 14.20 0.96
CA SER A 207 0.45 14.38 0.36
C SER A 207 0.63 13.38 -0.79
N LYS A 208 1.18 13.84 -1.90
CA LYS A 208 1.42 13.05 -3.14
C LYS A 208 2.58 12.07 -2.89
N ARG A 209 3.39 12.32 -1.87
CA ARG A 209 4.56 11.48 -1.48
C ARG A 209 4.15 10.44 -0.44
N ILE A 210 2.86 10.26 -0.19
CA ILE A 210 2.34 9.19 0.71
C ILE A 210 1.42 8.27 -0.12
N ALA A 211 1.78 6.99 -0.22
CA ALA A 211 1.09 5.96 -1.03
C ALA A 211 1.01 4.66 -0.23
N VAL A 212 0.44 3.61 -0.84
CA VAL A 212 0.07 2.34 -0.18
C VAL A 212 0.92 1.18 -0.74
N ALA A 213 1.57 0.44 0.17
CA ALA A 213 2.13 -0.91 -0.03
C ALA A 213 1.17 -1.92 0.60
N LEU A 214 0.30 -2.52 -0.20
CA LEU A 214 -0.86 -3.31 0.28
C LEU A 214 -0.44 -4.75 0.56
N GLU A 215 -0.39 -5.13 1.84
CA GLU A 215 0.02 -6.46 2.33
C GLU A 215 -1.16 -7.43 2.20
N ILE A 216 -0.94 -8.59 1.58
CA ILE A 216 -1.98 -9.61 1.27
C ILE A 216 -1.78 -10.83 2.19
N GLY A 217 -2.84 -11.27 2.86
CA GLY A 217 -2.85 -12.47 3.71
C GLY A 217 -3.26 -13.71 2.93
N ALA A 218 -3.10 -14.89 3.55
CA ALA A 218 -3.51 -16.21 3.00
C ALA A 218 -5.02 -16.20 2.74
N ASP A 219 -5.80 -15.84 3.76
CA ASP A 219 -7.26 -15.55 3.64
C ASP A 219 -7.44 -14.14 3.07
N LEU A 220 -7.99 -14.03 1.86
CA LEU A 220 -8.51 -12.75 1.32
C LEU A 220 -9.70 -12.32 2.18
N PRO A 221 -10.10 -11.03 2.13
CA PRO A 221 -11.39 -10.63 2.67
C PRO A 221 -12.50 -10.83 1.63
N SER A 222 -13.71 -10.39 1.95
CA SER A 222 -14.85 -10.27 1.01
C SER A 222 -14.50 -9.20 -0.03
N ASN A 223 -15.03 -9.33 -1.26
CA ASN A 223 -14.76 -8.40 -2.39
C ASN A 223 -15.02 -6.96 -1.97
N HIS A 224 -16.02 -6.73 -1.10
CA HIS A 224 -16.47 -5.38 -0.66
C HIS A 224 -15.31 -4.61 -0.01
N VAL A 225 -14.36 -5.32 0.62
CA VAL A 225 -13.12 -4.73 1.21
C VAL A 225 -12.14 -4.42 0.08
N ILE A 226 -11.90 -5.38 -0.81
CA ILE A 226 -11.02 -5.25 -2.01
C ILE A 226 -11.59 -4.18 -2.94
N ASP A 227 -12.85 -3.77 -2.72
CA ASP A 227 -13.52 -2.67 -3.47
C ASP A 227 -13.13 -1.32 -2.86
N ARG A 228 -12.79 -1.25 -1.57
CA ARG A 228 -12.31 0.01 -0.90
C ARG A 228 -11.05 0.52 -1.61
N TRP A 229 -10.04 -0.35 -1.76
CA TRP A 229 -8.68 0.00 -2.23
C TRP A 229 -8.68 0.35 -3.72
N LEU A 230 -9.82 0.24 -4.40
CA LEU A 230 -10.07 0.89 -5.71
C LEU A 230 -9.99 2.40 -5.53
N GLY A 231 -9.24 3.09 -6.39
CA GLY A 231 -9.12 4.56 -6.39
C GLY A 231 -7.99 5.07 -5.52
N GLU A 232 -7.40 4.20 -4.70
CA GLU A 232 -6.32 4.54 -3.73
C GLU A 232 -4.96 4.45 -4.43
N PRO A 233 -3.94 5.17 -3.92
CA PRO A 233 -2.62 5.21 -4.54
C PRO A 233 -1.76 4.01 -4.16
N ILE A 234 -1.91 2.90 -4.90
CA ILE A 234 -1.17 1.63 -4.65
C ILE A 234 0.07 1.62 -5.57
N LYS A 235 1.26 1.76 -4.99
CA LYS A 235 2.56 1.66 -5.70
C LYS A 235 3.10 0.24 -5.59
N ALA A 236 2.71 -0.47 -4.52
CA ALA A 236 3.28 -1.77 -4.12
C ALA A 236 2.18 -2.70 -3.61
N ALA A 237 2.41 -4.01 -3.75
CA ALA A 237 1.58 -5.11 -3.20
C ALA A 237 2.53 -6.17 -2.63
N ILE A 238 2.42 -6.43 -1.32
CA ILE A 238 3.36 -7.31 -0.57
C ILE A 238 2.76 -8.72 -0.49
N LEU A 239 3.33 -9.67 -1.23
CA LEU A 239 2.97 -11.11 -1.25
C LEU A 239 3.89 -11.87 -0.32
N PRO A 240 3.45 -12.31 0.89
CA PRO A 240 4.26 -13.21 1.70
C PRO A 240 4.30 -14.60 1.04
N THR A 241 5.38 -15.35 1.29
CA THR A 241 5.62 -16.72 0.77
C THR A 241 4.51 -17.66 1.25
N SER A 242 3.99 -17.45 2.47
CA SER A 242 2.90 -18.22 3.12
C SER A 242 1.77 -18.55 2.13
N ILE A 243 1.25 -17.52 1.46
CA ILE A 243 -0.06 -17.55 0.71
C ILE A 243 0.10 -18.46 -0.52
N PHE A 244 1.33 -18.72 -0.95
CA PHE A 244 1.65 -19.59 -2.11
C PHE A 244 1.39 -21.05 -1.77
N LEU A 245 0.37 -21.62 -2.42
CA LEU A 245 0.10 -23.08 -2.48
C LEU A 245 1.18 -23.73 -3.34
N THR A 246 1.38 -25.05 -3.19
CA THR A 246 2.25 -25.89 -4.05
C THR A 246 1.38 -26.68 -5.02
N ASN A 247 1.93 -27.09 -6.16
CA ASN A 247 1.22 -27.91 -7.19
C ASN A 247 1.86 -29.29 -7.33
N LYS A 248 1.44 -30.03 -8.34
CA LYS A 248 1.75 -31.47 -8.56
C LYS A 248 3.27 -31.71 -8.52
N LYS A 249 4.05 -30.82 -9.14
CA LYS A 249 5.52 -30.98 -9.32
C LYS A 249 6.26 -30.51 -8.07
N GLY A 250 5.94 -29.31 -7.53
CA GLY A 250 6.65 -28.71 -6.39
C GLY A 250 6.83 -27.20 -6.54
N PHE A 251 6.69 -26.69 -7.78
CA PHE A 251 6.47 -25.26 -8.13
C PHE A 251 5.55 -24.62 -7.09
N PRO A 252 5.87 -23.41 -6.57
CA PRO A 252 4.90 -22.60 -5.82
C PRO A 252 3.95 -21.83 -6.73
N VAL A 253 2.66 -21.76 -6.38
CA VAL A 253 1.59 -21.11 -7.21
C VAL A 253 0.57 -20.43 -6.28
N LEU A 254 -0.54 -19.92 -6.84
CA LEU A 254 -1.58 -19.17 -6.08
C LEU A 254 -2.98 -19.72 -6.39
N SER A 255 -3.90 -19.50 -5.45
CA SER A 255 -5.36 -19.72 -5.57
C SER A 255 -5.91 -18.90 -6.75
N LYS A 256 -7.06 -19.29 -7.28
CA LYS A 256 -7.77 -18.59 -8.38
C LYS A 256 -8.32 -17.25 -7.87
N MET A 257 -8.44 -17.08 -6.54
CA MET A 257 -8.91 -15.82 -5.90
C MET A 257 -7.74 -14.84 -5.76
N HIS A 258 -6.54 -15.34 -5.41
CA HIS A 258 -5.30 -14.53 -5.35
C HIS A 258 -4.83 -14.17 -6.77
N GLN A 259 -5.20 -14.96 -7.78
CA GLN A 259 -4.87 -14.68 -9.21
C GLN A 259 -5.76 -13.53 -9.72
N ARG A 260 -7.07 -13.59 -9.43
CA ARG A 260 -8.05 -12.53 -9.82
C ARG A 260 -7.52 -11.17 -9.36
N LEU A 261 -6.94 -11.10 -8.15
CA LEU A 261 -6.42 -9.85 -7.53
C LEU A 261 -5.14 -9.41 -8.25
N ILE A 262 -4.22 -10.36 -8.49
CA ILE A 262 -2.93 -10.12 -9.20
C ILE A 262 -3.22 -9.48 -10.56
N PHE A 263 -4.25 -9.97 -11.27
CA PHE A 263 -4.64 -9.47 -12.62
C PHE A 263 -5.19 -8.06 -12.51
N ARG A 264 -5.90 -7.74 -11.43
CA ARG A 264 -6.46 -6.39 -11.16
C ARG A 264 -5.32 -5.43 -10.77
N LEU A 265 -4.38 -5.88 -9.93
CA LEU A 265 -3.19 -5.09 -9.52
C LEU A 265 -2.32 -4.78 -10.73
N LEU A 266 -2.11 -5.77 -11.61
CA LEU A 266 -1.29 -5.63 -12.84
C LEU A 266 -1.82 -4.49 -13.71
N LYS A 267 -3.16 -4.39 -13.79
CA LYS A 267 -3.85 -3.31 -14.54
C LYS A 267 -3.44 -1.96 -13.96
N LEU A 268 -3.26 -1.90 -12.64
CA LEU A 268 -2.90 -0.67 -11.92
C LEU A 268 -1.39 -0.39 -12.01
N GLU A 269 -0.62 -1.34 -12.55
CA GLU A 269 0.85 -1.19 -12.74
C GLU A 269 1.47 -0.86 -11.39
N VAL A 270 1.47 -1.84 -10.49
CA VAL A 270 2.08 -1.75 -9.13
C VAL A 270 3.31 -2.64 -9.13
N GLN A 271 4.28 -2.33 -8.27
CA GLN A 271 5.46 -3.19 -8.02
C GLN A 271 5.07 -4.26 -7.00
N PHE A 272 5.63 -5.46 -7.14
CA PHE A 272 5.32 -6.64 -6.29
C PHE A 272 6.50 -6.90 -5.36
N ILE A 273 6.23 -7.13 -4.07
CA ILE A 273 7.27 -7.32 -3.02
C ILE A 273 7.09 -8.70 -2.39
N ILE A 274 8.04 -9.61 -2.65
CA ILE A 274 8.13 -10.95 -2.01
C ILE A 274 8.84 -10.78 -0.66
N THR A 275 8.17 -11.20 0.43
CA THR A 275 8.62 -11.06 1.84
C THR A 275 8.61 -12.45 2.50
N GLY A 276 9.41 -12.64 3.54
CA GLY A 276 9.46 -13.90 4.33
C GLY A 276 10.35 -14.95 3.68
N THR A 277 10.64 -16.03 4.41
CA THR A 277 11.63 -17.08 4.03
C THR A 277 11.06 -18.01 2.96
N ASN A 278 11.93 -18.87 2.41
CA ASN A 278 11.55 -19.90 1.40
C ASN A 278 10.86 -21.06 2.12
N HIS A 279 9.62 -21.37 1.70
CA HIS A 279 8.79 -22.51 2.22
C HIS A 279 8.70 -23.63 1.18
N HIS A 280 9.02 -23.33 -0.09
CA HIS A 280 9.21 -24.33 -1.17
C HIS A 280 10.71 -24.65 -1.27
N SER A 281 11.21 -25.37 -0.26
CA SER A 281 12.65 -25.54 0.08
C SER A 281 13.44 -26.12 -1.10
N GLU A 282 12.85 -27.04 -1.87
CA GLU A 282 13.52 -27.81 -2.95
C GLU A 282 13.89 -26.90 -4.13
N LYS A 283 13.10 -25.84 -4.38
CA LYS A 283 13.30 -24.87 -5.52
C LYS A 283 13.76 -23.53 -4.96
N GLU A 284 14.35 -22.66 -5.79
CA GLU A 284 14.94 -21.36 -5.38
C GLU A 284 13.83 -20.31 -5.25
N PHE A 285 14.20 -19.01 -5.24
CA PHE A 285 13.28 -17.85 -5.07
C PHE A 285 12.80 -17.31 -6.42
N CYS A 286 13.61 -17.46 -7.47
CA CYS A 286 13.26 -17.05 -8.86
C CYS A 286 12.12 -17.93 -9.39
N SER A 287 11.60 -18.84 -8.56
CA SER A 287 10.40 -19.69 -8.82
C SER A 287 9.12 -18.95 -8.43
N TYR A 288 9.06 -18.38 -7.22
CA TYR A 288 7.98 -17.47 -6.75
C TYR A 288 7.79 -16.37 -7.81
N LEU A 289 8.90 -15.74 -8.18
CA LEU A 289 8.99 -14.60 -9.12
C LEU A 289 8.58 -15.06 -10.53
N GLN A 290 9.10 -16.21 -10.99
CA GLN A 290 8.76 -16.81 -12.32
C GLN A 290 7.23 -16.86 -12.49
N TYR A 291 6.50 -17.30 -11.46
CA TYR A 291 5.02 -17.46 -11.48
C TYR A 291 4.35 -16.12 -11.77
N LEU A 292 4.79 -15.04 -11.11
CA LEU A 292 4.28 -13.67 -11.36
C LEU A 292 4.53 -13.31 -12.83
N GLU A 293 5.75 -13.54 -13.34
CA GLU A 293 6.12 -13.30 -14.76
C GLU A 293 5.21 -14.14 -15.66
N TYR A 294 4.88 -15.37 -15.24
CA TYR A 294 3.94 -16.29 -15.92
C TYR A 294 2.55 -15.65 -15.97
N LEU A 295 1.94 -15.37 -14.81
CA LEU A 295 0.61 -14.71 -14.69
C LEU A 295 0.57 -13.48 -15.61
N SER A 296 1.59 -12.61 -15.50
CA SER A 296 1.69 -11.31 -16.21
C SER A 296 1.57 -11.50 -17.72
N GLN A 297 2.36 -12.39 -18.30
CA GLN A 297 2.51 -12.58 -19.76
C GLN A 297 1.36 -13.45 -20.31
N ASN A 298 0.40 -13.82 -19.46
CA ASN A 298 -0.79 -14.64 -19.84
C ASN A 298 -2.08 -13.81 -19.75
N ARG A 299 -2.07 -12.66 -19.07
CA ARG A 299 -3.29 -11.87 -18.74
C ARG A 299 -4.02 -11.50 -20.03
N PRO A 300 -5.35 -11.25 -19.97
CA PRO A 300 -6.11 -10.86 -21.16
C PRO A 300 -5.41 -9.73 -21.92
N PRO A 301 -4.79 -9.99 -23.11
CA PRO A 301 -3.94 -8.99 -23.76
C PRO A 301 -4.70 -7.71 -24.13
N PRO A 302 -4.01 -6.55 -24.22
CA PRO A 302 -4.70 -5.26 -24.34
C PRO A 302 -5.46 -5.12 -25.66
N ASN A 303 -6.72 -4.66 -25.60
CA ASN A 303 -7.67 -4.57 -26.74
C ASN A 303 -7.41 -3.27 -27.52
N ALA A 304 -8.34 -2.91 -28.42
CA ALA A 304 -8.25 -1.73 -29.32
C ALA A 304 -8.12 -0.44 -28.51
N TYR A 305 -9.14 -0.10 -27.71
CA TYR A 305 -9.23 1.14 -26.89
C TYR A 305 -8.01 1.26 -25.98
N GLU A 306 -7.68 0.19 -25.26
CA GLU A 306 -6.67 0.15 -24.17
C GLU A 306 -5.25 0.33 -24.74
N LEU A 307 -5.06 0.10 -26.05
CA LEU A 307 -3.74 0.20 -26.73
C LEU A 307 -3.50 1.66 -27.17
N PHE A 308 -4.55 2.36 -27.61
CA PHE A 308 -4.50 3.79 -28.02
C PHE A 308 -4.49 4.71 -26.78
N ALA A 309 -5.10 4.27 -25.68
CA ALA A 309 -5.27 5.05 -24.42
C ALA A 309 -4.04 4.89 -23.51
N LYS A 310 -3.26 3.81 -23.68
CA LYS A 310 -1.96 3.59 -23.00
C LYS A 310 -1.18 4.91 -22.94
N GLY A 311 -0.91 5.42 -21.74
CA GLY A 311 -0.12 6.65 -21.52
C GLY A 311 -0.96 7.79 -20.97
N TYR A 312 -2.24 7.88 -21.36
CA TYR A 312 -3.18 8.96 -20.98
C TYR A 312 -3.81 8.67 -19.60
N GLU A 313 -3.62 7.46 -19.07
CA GLU A 313 -4.13 7.01 -17.74
C GLU A 313 -4.07 8.17 -16.73
N ASP A 314 -5.23 8.51 -16.15
CA ASP A 314 -5.44 9.53 -15.07
C ASP A 314 -4.67 10.82 -15.34
N TYR A 315 -4.57 11.23 -16.61
CA TYR A 315 -3.94 12.50 -17.04
C TYR A 315 -5.04 13.55 -17.24
N LEU A 316 -5.04 14.60 -16.42
CA LEU A 316 -6.03 15.73 -16.49
C LEU A 316 -5.67 16.64 -17.66
N GLN A 317 -6.68 17.15 -18.35
CA GLN A 317 -6.59 18.14 -19.45
C GLN A 317 -7.62 19.25 -19.20
N SER A 318 -7.17 20.51 -19.14
CA SER A 318 -8.05 21.69 -18.95
C SER A 318 -9.12 21.72 -20.04
N PRO A 319 -10.27 22.35 -19.78
CA PRO A 319 -11.33 22.48 -20.79
C PRO A 319 -10.93 23.46 -21.89
N LEU A 320 -10.89 23.00 -23.14
CA LEU A 320 -10.50 23.80 -24.33
C LEU A 320 -11.77 24.14 -25.13
N GLN A 321 -11.97 25.44 -25.41
CA GLN A 321 -13.13 25.96 -26.16
C GLN A 321 -12.88 25.74 -27.66
N PRO A 322 -13.82 25.10 -28.38
CA PRO A 322 -13.61 24.69 -29.76
C PRO A 322 -14.19 25.72 -30.72
N LEU A 323 -14.62 26.85 -30.15
CA LEU A 323 -15.44 27.91 -30.79
C LEU A 323 -14.68 29.24 -30.72
N MET A 324 -14.15 29.57 -29.54
CA MET A 324 -13.35 30.79 -29.27
C MET A 324 -11.89 30.59 -29.71
N ASP A 325 -11.47 29.34 -29.97
CA ASP A 325 -10.09 28.98 -30.43
C ASP A 325 -10.18 27.97 -31.58
N ASN A 326 -9.22 28.03 -32.51
CA ASN A 326 -9.15 27.14 -33.70
C ASN A 326 -8.27 25.92 -33.38
N LEU A 327 -8.61 24.75 -33.91
CA LEU A 327 -7.89 23.47 -33.67
C LEU A 327 -6.65 23.41 -34.57
N GLU A 328 -5.56 22.86 -34.03
CA GLU A 328 -4.23 22.76 -34.71
C GLU A 328 -4.30 21.61 -35.73
N SER A 329 -3.53 21.70 -36.82
CA SER A 329 -3.51 20.72 -37.94
C SER A 329 -3.33 19.31 -37.39
N GLN A 330 -2.34 19.12 -36.51
CA GLN A 330 -1.95 17.77 -35.97
C GLN A 330 -3.06 17.21 -35.07
N THR A 331 -3.86 18.08 -34.44
CA THR A 331 -5.06 17.70 -33.64
C THR A 331 -6.09 17.05 -34.58
N TYR A 332 -6.51 17.77 -35.63
CA TYR A 332 -7.38 17.24 -36.70
C TYR A 332 -6.83 15.87 -37.15
N GLU A 333 -5.53 15.80 -37.48
CA GLU A 333 -4.85 14.59 -38.03
C GLU A 333 -5.25 13.34 -37.24
N VAL A 334 -5.01 13.32 -35.93
CA VAL A 334 -5.23 12.16 -35.03
C VAL A 334 -6.70 11.74 -35.06
N PHE A 335 -7.62 12.70 -34.95
CA PHE A 335 -9.07 12.45 -34.77
C PHE A 335 -9.68 12.03 -36.11
N GLU A 336 -8.96 12.27 -37.21
CA GLU A 336 -9.30 11.77 -38.57
C GLU A 336 -9.06 10.26 -38.65
N LYS A 337 -8.26 9.70 -37.73
CA LYS A 337 -7.75 8.30 -37.79
C LYS A 337 -8.60 7.35 -36.94
N ASP A 338 -9.74 7.79 -36.43
CA ASP A 338 -10.70 6.91 -35.71
C ASP A 338 -11.68 6.36 -36.75
N PRO A 339 -11.44 5.19 -37.38
CA PRO A 339 -12.32 4.73 -38.46
C PRO A 339 -13.74 4.41 -37.98
N ILE A 340 -13.88 3.83 -36.78
CA ILE A 340 -15.18 3.38 -36.21
C ILE A 340 -16.15 4.57 -36.18
N LYS A 341 -15.67 5.75 -35.78
CA LYS A 341 -16.49 7.00 -35.67
C LYS A 341 -17.02 7.39 -37.06
N TYR A 342 -16.21 7.25 -38.11
CA TYR A 342 -16.50 7.75 -39.48
C TYR A 342 -17.19 6.64 -40.30
N SER A 343 -16.97 5.36 -39.97
CA SER A 343 -17.83 4.23 -40.39
C SER A 343 -19.28 4.52 -40.01
N GLN A 344 -19.48 4.90 -38.73
CA GLN A 344 -20.81 5.13 -38.11
C GLN A 344 -21.49 6.34 -38.76
N TYR A 345 -20.74 7.41 -39.03
CA TYR A 345 -21.25 8.65 -39.69
C TYR A 345 -21.60 8.34 -41.15
N GLN A 346 -20.73 7.58 -41.85
CA GLN A 346 -20.97 7.13 -43.25
C GLN A 346 -22.34 6.45 -43.33
N GLN A 347 -22.60 5.51 -42.40
CA GLN A 347 -23.80 4.65 -42.37
C GLN A 347 -25.04 5.50 -42.04
N ALA A 348 -24.93 6.40 -41.05
CA ALA A 348 -26.04 7.29 -40.60
C ALA A 348 -26.60 8.06 -41.80
N ILE A 349 -25.75 8.39 -42.76
CA ILE A 349 -26.12 9.09 -44.03
C ILE A 349 -26.71 8.06 -45.00
N TYR A 350 -25.95 6.99 -45.28
CA TYR A 350 -26.35 5.83 -46.13
C TYR A 350 -27.82 5.48 -45.89
N LYS A 351 -28.21 5.32 -44.63
CA LYS A 351 -29.58 4.92 -44.21
C LYS A 351 -30.56 6.10 -44.39
N CYS A 352 -30.10 7.33 -44.16
CA CYS A 352 -30.94 8.57 -44.30
C CYS A 352 -31.21 8.87 -45.77
N LEU A 353 -30.22 8.65 -46.65
CA LEU A 353 -30.36 8.86 -48.12
C LEU A 353 -31.51 7.98 -48.65
N LEU A 354 -31.45 6.67 -48.37
CA LEU A 354 -32.41 5.66 -48.88
C LEU A 354 -33.84 6.00 -48.42
N ASP A 355 -33.99 6.54 -47.21
CA ASP A 355 -35.32 6.80 -46.59
C ASP A 355 -35.93 8.10 -47.14
N ARG A 356 -35.13 8.98 -47.78
CA ARG A 356 -35.57 10.32 -48.25
C ARG A 356 -35.85 10.33 -49.76
N VAL A 357 -35.10 9.55 -50.55
CA VAL A 357 -35.27 9.49 -52.04
C VAL A 357 -35.52 8.05 -52.48
N PRO A 358 -36.78 7.73 -52.84
CA PRO A 358 -37.12 6.44 -53.46
C PRO A 358 -36.21 6.08 -54.64
N GLU A 359 -36.11 4.78 -54.96
CA GLU A 359 -35.33 4.22 -56.10
C GLU A 359 -35.85 4.79 -57.43
N GLU A 360 -37.17 5.02 -57.51
CA GLU A 360 -37.87 5.60 -58.69
C GLU A 360 -37.40 7.04 -58.94
N GLU A 361 -36.75 7.67 -57.94
CA GLU A 361 -36.29 9.09 -57.97
C GLU A 361 -34.76 9.20 -57.93
N LYS A 362 -34.03 8.10 -58.08
CA LYS A 362 -32.58 8.03 -57.72
C LYS A 362 -31.74 8.94 -58.63
N ASP A 363 -32.19 9.22 -59.85
CA ASP A 363 -31.48 10.10 -60.83
C ASP A 363 -32.16 11.46 -60.93
N THR A 364 -33.46 11.56 -60.61
CA THR A 364 -34.24 12.83 -60.66
C THR A 364 -33.90 13.69 -59.44
N ASN A 365 -33.93 13.12 -58.23
CA ASN A 365 -33.77 13.88 -56.97
C ASN A 365 -32.30 13.86 -56.52
N VAL A 366 -31.73 15.07 -56.44
CA VAL A 366 -30.39 15.39 -55.89
C VAL A 366 -30.58 15.98 -54.49
N GLN A 367 -29.99 15.38 -53.45
CA GLN A 367 -30.17 15.78 -52.03
C GLN A 367 -29.12 16.84 -51.65
N VAL A 368 -29.55 17.98 -51.11
CA VAL A 368 -28.65 19.09 -50.66
C VAL A 368 -28.27 18.84 -49.19
N LEU A 369 -26.98 18.64 -48.95
CA LEU A 369 -26.38 18.02 -47.74
C LEU A 369 -25.27 18.95 -47.21
N MET A 370 -25.36 19.40 -45.96
CA MET A 370 -24.43 20.43 -45.38
C MET A 370 -23.68 19.88 -44.17
N VAL A 371 -22.36 19.71 -44.31
CA VAL A 371 -21.41 19.40 -43.20
C VAL A 371 -21.16 20.70 -42.43
N LEU A 372 -21.74 20.87 -41.24
CA LEU A 372 -21.57 22.09 -40.39
C LEU A 372 -20.43 21.86 -39.40
N GLY A 373 -19.28 22.51 -39.63
CA GLY A 373 -18.02 22.22 -38.93
C GLY A 373 -17.27 21.11 -39.64
N ALA A 374 -16.93 21.35 -40.91
CA ALA A 374 -16.45 20.34 -41.88
C ALA A 374 -15.02 19.91 -41.56
N GLY A 375 -14.28 20.76 -40.86
CA GLY A 375 -12.86 20.50 -40.50
C GLY A 375 -11.99 20.44 -41.74
N ARG A 376 -11.18 19.38 -41.86
CA ARG A 376 -10.37 19.08 -43.08
C ARG A 376 -11.17 18.17 -44.03
N GLY A 377 -12.43 17.85 -43.67
CA GLY A 377 -13.41 17.18 -44.53
C GLY A 377 -13.31 15.65 -44.52
N PRO A 378 -13.28 14.98 -43.34
CA PRO A 378 -13.48 13.54 -43.27
C PRO A 378 -14.99 13.22 -43.32
N LEU A 379 -15.84 14.14 -42.86
CA LEU A 379 -17.32 14.05 -42.96
C LEU A 379 -17.75 14.31 -44.40
N VAL A 380 -17.04 15.19 -45.13
CA VAL A 380 -17.35 15.47 -46.57
C VAL A 380 -17.06 14.20 -47.37
N ASN A 381 -15.83 13.67 -47.30
CA ASN A 381 -15.41 12.37 -47.92
C ASN A 381 -16.44 11.29 -47.60
N ALA A 382 -16.87 11.19 -46.34
CA ALA A 382 -17.80 10.16 -45.82
C ALA A 382 -19.17 10.30 -46.49
N SER A 383 -19.63 11.54 -46.70
CA SER A 383 -20.89 11.87 -47.40
C SER A 383 -20.82 11.42 -48.87
N LEU A 384 -19.62 11.52 -49.49
CA LEU A 384 -19.36 11.09 -50.89
C LEU A 384 -19.34 9.56 -50.95
N ARG A 385 -18.84 8.89 -49.91
CA ARG A 385 -18.84 7.41 -49.80
C ARG A 385 -20.27 6.91 -49.63
N ALA A 386 -21.08 7.61 -48.83
CA ALA A 386 -22.51 7.29 -48.57
C ALA A 386 -23.30 7.37 -49.88
N ALA A 387 -23.01 8.36 -50.73
CA ALA A 387 -23.68 8.57 -52.03
C ALA A 387 -23.43 7.39 -52.96
N LYS A 388 -22.18 6.93 -53.05
CA LYS A 388 -21.76 5.78 -53.90
C LYS A 388 -22.42 4.49 -53.39
N GLN A 389 -22.55 4.39 -52.06
CA GLN A 389 -23.16 3.22 -51.37
C GLN A 389 -24.65 3.13 -51.71
N ALA A 390 -25.38 4.24 -51.59
CA ALA A 390 -26.85 4.31 -51.76
C ALA A 390 -27.20 4.59 -53.23
N ASP A 391 -26.23 5.04 -54.03
CA ASP A 391 -26.44 5.44 -55.45
C ASP A 391 -27.59 6.46 -55.49
N ARG A 392 -27.54 7.46 -54.62
CA ARG A 392 -28.49 8.60 -54.61
C ARG A 392 -27.68 9.88 -54.82
N ARG A 393 -28.26 10.89 -55.48
CA ARG A 393 -27.54 12.12 -55.91
C ARG A 393 -27.57 13.15 -54.78
N ILE A 394 -26.43 13.82 -54.55
CA ILE A 394 -26.28 14.83 -53.45
C ILE A 394 -25.42 16.01 -53.91
N LYS A 395 -25.66 17.15 -53.28
CA LYS A 395 -24.87 18.41 -53.40
C LYS A 395 -24.43 18.81 -52.00
N LEU A 396 -23.15 19.18 -51.84
CA LEU A 396 -22.48 19.35 -50.52
C LEU A 396 -22.05 20.80 -50.32
N TYR A 397 -22.41 21.39 -49.17
CA TYR A 397 -21.75 22.56 -48.55
C TYR A 397 -20.86 22.06 -47.41
N ALA A 398 -19.67 22.67 -47.28
CA ALA A 398 -18.70 22.40 -46.19
C ALA A 398 -18.42 23.71 -45.45
N VAL A 399 -19.24 24.03 -44.44
CA VAL A 399 -19.14 25.27 -43.63
C VAL A 399 -18.14 25.02 -42.49
N GLU A 400 -17.10 25.84 -42.42
CA GLU A 400 -16.02 25.74 -41.40
C GLU A 400 -15.66 27.16 -40.94
N LYS A 401 -15.50 27.35 -39.62
CA LYS A 401 -15.16 28.66 -38.98
C LYS A 401 -13.65 28.85 -39.01
N ASN A 402 -12.90 27.79 -38.68
CA ASN A 402 -11.42 27.75 -38.63
C ASN A 402 -10.86 27.96 -40.04
N PRO A 403 -10.37 29.19 -40.40
CA PRO A 403 -9.86 29.44 -41.74
C PRO A 403 -8.62 28.62 -42.13
N ASN A 404 -7.82 28.21 -41.14
CA ASN A 404 -6.60 27.38 -41.34
C ASN A 404 -7.00 26.03 -41.95
N ALA A 405 -8.10 25.45 -41.45
CA ALA A 405 -8.74 24.22 -41.97
C ALA A 405 -9.29 24.49 -43.38
N VAL A 406 -9.96 25.63 -43.57
CA VAL A 406 -10.60 26.04 -44.84
C VAL A 406 -9.56 26.03 -45.97
N VAL A 407 -8.33 26.47 -45.68
CA VAL A 407 -7.17 26.33 -46.61
C VAL A 407 -7.13 24.88 -47.12
N THR A 408 -7.24 23.92 -46.20
CA THR A 408 -7.11 22.46 -46.47
C THR A 408 -8.32 21.98 -47.29
N LEU A 409 -9.52 22.49 -47.00
CA LEU A 409 -10.78 22.15 -47.72
C LEU A 409 -10.69 22.63 -49.17
N GLU A 410 -10.49 23.94 -49.36
CA GLU A 410 -10.43 24.63 -50.67
C GLU A 410 -9.35 23.99 -51.57
N ASN A 411 -8.33 23.35 -50.96
CA ASN A 411 -7.25 22.63 -51.69
C ASN A 411 -7.75 21.25 -52.13
N TRP A 412 -8.47 20.52 -51.26
CA TRP A 412 -9.20 19.26 -51.63
C TRP A 412 -10.29 19.59 -52.66
N GLN A 413 -11.05 20.67 -52.42
CA GLN A 413 -12.17 21.11 -53.30
C GLN A 413 -11.65 21.23 -54.73
N PHE A 414 -10.54 21.93 -54.94
CA PHE A 414 -9.90 22.16 -56.26
C PHE A 414 -9.36 20.83 -56.81
N GLU A 415 -8.38 20.23 -56.13
CA GLU A 415 -7.60 19.06 -56.62
C GLU A 415 -8.54 17.88 -56.94
N GLU A 416 -9.51 17.59 -56.07
CA GLU A 416 -10.22 16.28 -56.04
C GLU A 416 -11.74 16.45 -56.16
N TRP A 417 -12.40 17.07 -55.17
CA TRP A 417 -13.88 17.02 -55.05
C TRP A 417 -14.54 17.68 -56.26
N GLY A 418 -14.23 18.96 -56.51
CA GLY A 418 -14.82 19.75 -57.61
C GLY A 418 -16.17 20.34 -57.21
N SER A 419 -16.92 20.83 -58.19
CA SER A 419 -18.11 21.72 -58.04
C SER A 419 -19.16 21.10 -57.11
N GLN A 420 -19.21 19.76 -57.00
CA GLN A 420 -20.17 19.04 -56.13
C GLN A 420 -20.09 19.58 -54.70
N VAL A 421 -18.86 19.81 -54.20
CA VAL A 421 -18.57 20.37 -52.86
C VAL A 421 -18.33 21.88 -52.99
N THR A 422 -19.31 22.68 -52.59
CA THR A 422 -19.12 24.11 -52.20
C THR A 422 -18.31 24.14 -50.90
N VAL A 423 -17.45 25.14 -50.72
CA VAL A 423 -16.77 25.44 -49.42
C VAL A 423 -17.28 26.78 -48.91
N VAL A 424 -17.50 26.90 -47.59
CA VAL A 424 -17.98 28.15 -46.94
C VAL A 424 -17.12 28.44 -45.71
N SER A 425 -16.23 29.42 -45.82
CA SER A 425 -15.40 29.97 -44.71
C SER A 425 -16.26 30.91 -43.87
N SER A 426 -17.03 30.36 -42.93
CA SER A 426 -18.04 31.08 -42.12
C SER A 426 -18.38 30.30 -40.85
N ASP A 427 -18.84 31.00 -39.82
CA ASP A 427 -19.55 30.41 -38.65
C ASP A 427 -20.98 30.11 -39.08
N MET A 428 -21.50 28.91 -38.77
CA MET A 428 -22.83 28.43 -39.22
C MET A 428 -23.94 29.33 -38.64
N ARG A 429 -23.73 29.90 -37.45
CA ARG A 429 -24.68 30.82 -36.78
C ARG A 429 -24.85 32.11 -37.60
N GLU A 430 -23.85 32.44 -38.45
CA GLU A 430 -23.76 33.70 -39.22
C GLU A 430 -24.19 33.47 -40.67
N TRP A 431 -23.60 32.47 -41.32
CA TRP A 431 -23.78 32.13 -42.77
C TRP A 431 -25.24 32.34 -43.18
N VAL A 432 -25.46 33.12 -44.24
CA VAL A 432 -26.77 33.24 -44.94
C VAL A 432 -26.75 32.29 -46.12
N ALA A 433 -27.52 31.19 -46.03
CA ALA A 433 -27.46 30.04 -46.95
C ALA A 433 -28.10 30.40 -48.29
N PRO A 434 -27.50 29.99 -49.43
CA PRO A 434 -28.06 30.28 -50.74
C PRO A 434 -29.37 29.50 -50.96
N GLU A 435 -29.39 28.23 -50.57
CA GLU A 435 -30.58 27.33 -50.57
C GLU A 435 -30.70 26.68 -49.18
N LYS A 436 -31.80 25.97 -48.92
CA LYS A 436 -32.05 25.24 -47.64
C LYS A 436 -31.61 23.79 -47.81
N ALA A 437 -31.36 23.07 -46.70
CA ALA A 437 -30.70 21.75 -46.68
C ALA A 437 -31.70 20.63 -46.37
N ASP A 438 -31.54 19.49 -47.04
CA ASP A 438 -32.20 18.19 -46.76
C ASP A 438 -31.67 17.67 -45.42
N ILE A 439 -30.35 17.56 -45.30
CA ILE A 439 -29.61 16.87 -44.19
C ILE A 439 -28.46 17.79 -43.73
N ILE A 440 -28.38 18.08 -42.42
CA ILE A 440 -27.22 18.78 -41.78
C ILE A 440 -26.44 17.75 -40.96
N VAL A 441 -25.12 17.69 -41.16
CA VAL A 441 -24.21 16.65 -40.59
C VAL A 441 -23.09 17.35 -39.82
N SER A 442 -23.00 17.16 -38.50
CA SER A 442 -22.02 17.82 -37.61
C SER A 442 -21.50 16.84 -36.56
N GLU A 443 -20.28 17.06 -36.06
CA GLU A 443 -19.68 16.26 -34.96
C GLU A 443 -19.15 17.24 -33.90
N LEU A 444 -20.05 18.05 -33.34
CA LEU A 444 -19.77 19.13 -32.38
C LEU A 444 -19.75 18.61 -30.95
N LEU A 445 -19.96 17.31 -30.77
CA LEU A 445 -20.14 16.71 -29.43
C LEU A 445 -18.81 16.73 -28.69
N GLY A 446 -18.89 17.09 -27.41
CA GLY A 446 -17.79 16.95 -26.44
C GLY A 446 -17.95 15.64 -25.69
N SER A 447 -17.04 15.39 -24.74
CA SER A 447 -17.03 14.20 -23.85
C SER A 447 -18.28 14.19 -22.97
N PHE A 448 -18.86 15.37 -22.68
CA PHE A 448 -20.12 15.51 -21.91
C PHE A 448 -21.26 15.90 -22.83
N ALA A 449 -21.11 15.63 -24.14
CA ALA A 449 -22.12 15.88 -25.20
C ALA A 449 -22.15 17.37 -25.55
N ASP A 450 -22.92 18.17 -24.80
CA ASP A 450 -23.26 19.57 -25.14
C ASP A 450 -22.19 20.55 -24.64
N ASN A 451 -21.09 20.07 -24.04
CA ASN A 451 -20.04 20.94 -23.46
C ASN A 451 -19.28 21.67 -24.58
N GLU A 452 -19.16 21.11 -25.80
CA GLU A 452 -18.51 21.82 -26.94
C GLU A 452 -19.56 22.65 -27.70
N LEU A 453 -20.74 22.84 -27.12
CA LEU A 453 -21.77 23.85 -27.51
C LEU A 453 -22.46 23.44 -28.83
N SER A 454 -22.61 22.14 -29.08
CA SER A 454 -23.39 21.57 -30.21
C SER A 454 -24.80 22.18 -30.24
N PRO A 455 -25.53 22.32 -29.11
CA PRO A 455 -26.87 22.91 -29.13
C PRO A 455 -26.92 24.33 -29.72
N GLU A 456 -26.04 25.22 -29.24
CA GLU A 456 -26.08 26.68 -29.57
C GLU A 456 -25.75 26.87 -31.06
N CYS A 457 -24.80 26.09 -31.57
CA CYS A 457 -24.34 26.12 -33.00
C CYS A 457 -25.46 25.65 -33.93
N LEU A 458 -26.13 24.52 -33.62
CA LEU A 458 -27.19 23.94 -34.49
C LEU A 458 -28.49 24.74 -34.34
N ASP A 459 -28.77 25.28 -33.15
CA ASP A 459 -29.93 26.19 -32.90
C ASP A 459 -29.86 27.38 -33.88
N GLY A 460 -28.69 28.01 -33.98
CA GLY A 460 -28.45 29.18 -34.84
C GLY A 460 -28.49 28.84 -36.33
N ALA A 461 -28.20 27.58 -36.69
CA ALA A 461 -28.03 27.12 -38.09
C ALA A 461 -29.19 26.25 -38.56
N GLN A 462 -30.29 26.17 -37.82
CA GLN A 462 -31.44 25.26 -38.15
C GLN A 462 -32.42 25.98 -39.08
N HIS A 463 -32.57 27.31 -38.93
CA HIS A 463 -33.43 28.17 -39.80
C HIS A 463 -33.08 28.01 -41.29
N PHE A 464 -31.93 27.41 -41.64
CA PHE A 464 -31.58 27.07 -43.05
C PHE A 464 -31.70 25.56 -43.29
N LEU A 465 -32.35 24.81 -42.39
CA LEU A 465 -32.72 23.39 -42.60
C LEU A 465 -34.15 23.35 -43.14
N LYS A 466 -34.41 22.48 -44.12
CA LYS A 466 -35.74 22.30 -44.76
C LYS A 466 -36.76 21.94 -43.67
N ASP A 467 -38.01 22.38 -43.83
CA ASP A 467 -39.11 22.15 -42.87
C ASP A 467 -39.19 20.65 -42.52
N ASP A 468 -38.90 19.76 -43.46
CA ASP A 468 -39.01 18.28 -43.30
C ASP A 468 -37.62 17.64 -43.23
N GLY A 469 -36.58 18.41 -42.86
CA GLY A 469 -35.17 18.00 -42.94
C GLY A 469 -34.69 17.26 -41.70
N VAL A 470 -33.67 16.41 -41.87
CA VAL A 470 -33.03 15.58 -40.81
C VAL A 470 -31.80 16.32 -40.27
N SER A 471 -31.51 16.18 -38.97
CA SER A 471 -30.19 16.48 -38.36
C SER A 471 -29.48 15.17 -38.03
N ILE A 472 -28.21 15.08 -38.42
CA ILE A 472 -27.23 14.07 -37.89
C ILE A 472 -26.21 14.84 -37.06
N PRO A 473 -26.16 14.67 -35.72
CA PRO A 473 -27.09 13.79 -35.00
C PRO A 473 -28.45 14.44 -34.70
N GLY A 474 -29.47 13.60 -34.43
CA GLY A 474 -30.82 14.03 -34.03
C GLY A 474 -30.93 14.20 -32.53
N GLU A 475 -30.22 13.34 -31.78
CA GLU A 475 -30.33 13.23 -30.30
C GLU A 475 -28.94 12.98 -29.70
N TYR A 476 -28.62 13.63 -28.58
CA TYR A 476 -27.51 13.23 -27.69
C TYR A 476 -27.93 13.46 -26.23
N THR A 477 -27.32 12.67 -25.34
CA THR A 477 -27.63 12.64 -23.88
C THR A 477 -26.32 12.53 -23.09
N SER A 478 -26.16 13.38 -22.08
CA SER A 478 -25.04 13.36 -21.10
C SER A 478 -25.41 12.41 -19.94
N PHE A 479 -24.42 11.71 -19.39
CA PHE A 479 -24.55 10.74 -18.26
C PHE A 479 -23.53 11.07 -17.18
N LEU A 480 -23.96 11.01 -15.91
CA LEU A 480 -23.10 11.22 -14.71
C LEU A 480 -23.12 9.97 -13.82
N ALA A 481 -22.00 9.70 -13.14
CA ALA A 481 -21.86 8.66 -12.10
C ALA A 481 -20.88 9.16 -11.05
N PRO A 482 -21.20 9.05 -9.73
CA PRO A 482 -20.25 9.45 -8.69
C PRO A 482 -19.05 8.49 -8.71
N ILE A 483 -17.86 9.03 -8.43
CA ILE A 483 -16.59 8.24 -8.43
C ILE A 483 -15.80 8.58 -7.16
N SER A 484 -15.02 7.60 -6.69
CA SER A 484 -14.04 7.72 -5.59
C SER A 484 -12.64 7.50 -6.16
N SER A 485 -11.75 8.49 -6.04
CA SER A 485 -10.33 8.40 -6.42
C SER A 485 -9.54 9.50 -5.69
N SER A 486 -8.97 9.16 -4.53
CA SER A 486 -8.02 10.04 -3.78
C SER A 486 -6.82 10.37 -4.67
N LYS A 487 -6.55 9.55 -5.69
CA LYS A 487 -5.48 9.77 -6.69
C LYS A 487 -5.83 10.98 -7.56
N LEU A 488 -7.02 10.97 -8.18
CA LEU A 488 -7.50 12.05 -9.09
C LEU A 488 -7.78 13.32 -8.28
N TYR A 489 -8.16 13.18 -7.00
CA TYR A 489 -8.37 14.32 -6.07
C TYR A 489 -7.05 15.10 -5.91
N ASN A 490 -5.92 14.40 -5.81
CA ASN A 490 -4.56 15.01 -5.75
C ASN A 490 -4.26 15.72 -7.07
N GLU A 491 -4.45 15.02 -8.19
CA GLU A 491 -4.15 15.53 -9.56
C GLU A 491 -4.83 16.89 -9.76
N VAL A 492 -6.07 17.05 -9.27
CA VAL A 492 -6.88 18.29 -9.38
C VAL A 492 -6.32 19.34 -8.41
N ARG A 493 -6.12 18.97 -7.15
CA ARG A 493 -5.64 19.88 -6.07
C ARG A 493 -4.35 20.57 -6.50
N ALA A 494 -3.49 19.85 -7.22
CA ALA A 494 -2.15 20.30 -7.70
C ALA A 494 -2.28 21.19 -8.95
N CYS A 495 -3.50 21.40 -9.47
CA CYS A 495 -3.78 22.30 -10.61
C CYS A 495 -4.01 23.74 -10.13
N ARG A 496 -3.76 24.03 -8.84
CA ARG A 496 -3.77 25.43 -8.33
C ARG A 496 -2.64 26.20 -9.01
N GLU A 497 -2.96 27.42 -9.43
CA GLU A 497 -2.05 28.36 -10.13
C GLU A 497 -2.15 29.71 -9.44
N LYS A 498 -1.04 30.44 -9.37
CA LYS A 498 -1.02 31.86 -8.95
C LYS A 498 -1.96 32.67 -9.83
N ASP A 499 -2.40 33.82 -9.33
CA ASP A 499 -3.17 34.86 -10.08
C ASP A 499 -4.58 34.36 -10.42
N ARG A 500 -5.20 33.56 -9.55
CA ARG A 500 -6.64 33.19 -9.62
C ARG A 500 -7.10 32.59 -8.28
N ASP A 501 -8.43 32.58 -8.05
CA ASP A 501 -9.08 31.92 -6.89
C ASP A 501 -8.37 30.60 -6.61
N PRO A 502 -7.85 30.38 -5.39
CA PRO A 502 -7.00 29.22 -5.12
C PRO A 502 -7.76 27.88 -5.10
N GLU A 503 -9.09 27.91 -5.26
CA GLU A 503 -9.97 26.71 -5.37
C GLU A 503 -10.52 26.59 -6.81
N ALA A 504 -10.15 27.49 -7.72
CA ALA A 504 -10.64 27.55 -9.12
C ALA A 504 -10.52 26.17 -9.78
N GLN A 505 -9.42 25.48 -9.52
CA GLN A 505 -9.05 24.16 -10.15
C GLN A 505 -10.15 23.13 -9.89
N PHE A 506 -10.98 23.31 -8.86
CA PHE A 506 -12.07 22.38 -8.46
C PHE A 506 -13.37 22.70 -9.18
N GLU A 507 -13.53 23.94 -9.67
CA GLU A 507 -14.82 24.47 -10.20
C GLU A 507 -14.80 24.41 -11.73
N MET A 508 -14.17 23.37 -12.29
CA MET A 508 -14.09 23.16 -13.77
C MET A 508 -13.97 21.67 -14.06
N PRO A 509 -14.47 21.21 -15.23
CA PRO A 509 -14.36 19.81 -15.64
C PRO A 509 -13.05 19.51 -16.36
N TYR A 510 -12.46 18.34 -16.08
CA TYR A 510 -11.23 17.82 -16.73
C TYR A 510 -11.59 16.60 -17.58
N VAL A 511 -11.30 16.66 -18.88
CA VAL A 511 -11.19 15.46 -19.76
C VAL A 511 -10.05 14.61 -19.20
N VAL A 512 -10.26 13.29 -19.07
CA VAL A 512 -9.27 12.40 -18.39
C VAL A 512 -9.61 10.93 -18.71
N ARG A 513 -8.59 10.17 -19.12
CA ARG A 513 -8.67 8.69 -19.25
C ARG A 513 -8.71 8.11 -17.84
N LEU A 514 -9.89 8.14 -17.20
CA LEU A 514 -10.04 7.63 -15.81
C LEU A 514 -9.43 6.23 -15.76
N HIS A 515 -8.64 5.95 -14.73
CA HIS A 515 -7.96 4.65 -14.59
C HIS A 515 -8.07 4.17 -13.14
N ASN A 516 -7.36 4.83 -12.23
CA ASN A 516 -7.34 4.48 -10.79
C ASN A 516 -8.50 5.19 -10.11
N PHE A 517 -9.69 4.58 -10.19
CA PHE A 517 -10.93 5.15 -9.63
C PHE A 517 -11.93 4.02 -9.34
N HIS A 518 -13.04 4.41 -8.71
CA HIS A 518 -14.12 3.51 -8.23
C HIS A 518 -15.47 4.13 -8.58
N GLN A 519 -16.18 3.54 -9.55
CA GLN A 519 -17.56 3.97 -9.90
C GLN A 519 -18.51 3.47 -8.82
N LEU A 520 -19.18 4.40 -8.12
CA LEU A 520 -19.93 4.13 -6.86
C LEU A 520 -21.40 3.82 -7.17
N SER A 521 -21.84 4.01 -8.42
CA SER A 521 -23.23 3.80 -8.86
C SER A 521 -23.28 3.72 -10.39
N ALA A 522 -24.33 3.11 -10.95
CA ALA A 522 -24.55 3.03 -12.41
C ALA A 522 -24.83 4.44 -12.94
N PRO A 523 -24.15 4.85 -14.04
CA PRO A 523 -24.42 6.15 -14.66
C PRO A 523 -25.91 6.32 -14.98
N GLN A 524 -26.50 7.43 -14.52
CA GLN A 524 -27.87 7.87 -14.89
C GLN A 524 -27.74 9.04 -15.86
N PRO A 525 -28.73 9.30 -16.74
CA PRO A 525 -28.63 10.40 -17.71
C PRO A 525 -28.86 11.75 -17.04
N CYS A 526 -28.17 12.80 -17.52
CA CYS A 526 -28.19 14.17 -16.96
C CYS A 526 -29.00 15.10 -17.88
N PHE A 527 -28.47 15.44 -19.06
CA PHE A 527 -29.09 16.38 -20.03
C PHE A 527 -29.25 15.70 -21.39
N THR A 528 -30.33 16.04 -22.10
CA THR A 528 -30.66 15.55 -23.47
C THR A 528 -31.00 16.74 -24.36
N PHE A 529 -30.66 16.67 -25.65
CA PHE A 529 -30.97 17.68 -26.69
C PHE A 529 -31.41 16.99 -27.98
N SER A 530 -32.35 17.60 -28.71
CA SER A 530 -32.97 17.10 -29.97
C SER A 530 -32.72 18.10 -31.12
N HIS A 531 -32.47 17.62 -32.34
CA HIS A 531 -32.18 18.45 -33.54
C HIS A 531 -32.93 17.92 -34.77
N PRO A 532 -33.73 18.75 -35.47
CA PRO A 532 -34.01 20.13 -35.06
C PRO A 532 -34.88 20.28 -33.80
N ASN A 533 -34.93 21.49 -33.25
CA ASN A 533 -35.58 21.84 -31.96
C ASN A 533 -36.94 22.50 -32.26
N ARG A 534 -38.01 21.71 -32.22
CA ARG A 534 -39.40 22.11 -32.59
C ARG A 534 -39.90 23.24 -31.69
N ASP A 535 -39.76 23.06 -30.36
CA ASP A 535 -40.29 23.96 -29.30
C ASP A 535 -40.21 25.41 -29.76
N PRO A 536 -41.27 26.20 -29.54
CA PRO A 536 -41.38 27.57 -30.05
C PRO A 536 -40.52 28.57 -29.26
N MET A 537 -40.47 28.40 -27.94
CA MET A 537 -39.53 29.12 -27.03
C MET A 537 -38.34 28.18 -26.74
N ILE A 538 -37.35 28.16 -27.64
CA ILE A 538 -36.06 27.43 -27.49
C ILE A 538 -35.40 27.91 -26.19
N ASP A 539 -34.89 26.97 -25.37
CA ASP A 539 -34.10 27.27 -24.15
C ASP A 539 -33.18 26.07 -23.86
N ASN A 540 -31.86 26.30 -23.87
CA ASN A 540 -30.81 25.25 -23.73
C ASN A 540 -30.25 25.21 -22.30
N ASN A 541 -30.69 26.12 -21.42
CA ASN A 541 -30.44 26.01 -19.95
C ASN A 541 -31.14 24.76 -19.43
N ARG A 542 -30.59 24.13 -18.39
CA ARG A 542 -31.16 22.93 -17.74
C ARG A 542 -30.93 22.98 -16.23
N TYR A 543 -31.75 22.25 -15.48
CA TYR A 543 -31.55 21.88 -14.06
C TYR A 543 -32.00 20.42 -13.92
N CYS A 544 -31.23 19.59 -13.21
CA CYS A 544 -31.41 18.12 -13.13
C CYS A 544 -30.93 17.59 -11.78
N THR A 545 -31.85 17.09 -10.94
CA THR A 545 -31.53 16.37 -9.68
C THR A 545 -31.28 14.89 -10.02
N LEU A 546 -30.14 14.34 -9.60
CA LEU A 546 -29.81 12.89 -9.73
C LEU A 546 -29.56 12.30 -8.34
N GLU A 547 -30.10 11.11 -8.10
CA GLU A 547 -29.95 10.33 -6.84
C GLU A 547 -29.26 9.00 -7.17
N PHE A 548 -28.16 8.71 -6.47
CA PHE A 548 -27.30 7.52 -6.70
C PHE A 548 -27.32 6.63 -5.46
N PRO A 549 -27.92 5.42 -5.53
CA PRO A 549 -27.69 4.40 -4.52
C PRO A 549 -26.21 4.01 -4.47
N VAL A 550 -25.66 3.91 -3.25
CA VAL A 550 -24.23 3.59 -2.96
C VAL A 550 -24.21 2.41 -1.98
N GLU A 551 -23.55 1.30 -2.35
CA GLU A 551 -23.67 0.00 -1.65
C GLU A 551 -22.31 -0.41 -1.04
N VAL A 552 -21.41 0.54 -0.78
CA VAL A 552 -20.20 0.34 0.08
C VAL A 552 -19.95 1.63 0.88
N ASN A 553 -19.12 1.55 1.92
CA ASN A 553 -18.48 2.75 2.52
C ASN A 553 -17.40 3.21 1.54
N THR A 554 -17.19 4.53 1.42
CA THR A 554 -16.33 5.16 0.40
C THR A 554 -16.26 6.67 0.64
N VAL A 555 -15.44 7.38 -0.14
CA VAL A 555 -15.32 8.87 -0.12
C VAL A 555 -15.52 9.40 -1.54
N LEU A 556 -16.58 10.20 -1.73
CA LEU A 556 -16.88 10.93 -2.99
C LEU A 556 -15.76 11.94 -3.26
N HIS A 557 -15.15 11.89 -4.45
CA HIS A 557 -14.10 12.84 -4.91
C HIS A 557 -14.56 13.62 -6.14
N GLY A 558 -15.55 13.12 -6.89
CA GLY A 558 -16.01 13.74 -8.14
C GLY A 558 -17.14 12.97 -8.81
N PHE A 559 -17.44 13.34 -10.07
CA PHE A 559 -18.48 12.72 -10.92
C PHE A 559 -17.93 12.54 -12.35
N ALA A 560 -17.82 11.29 -12.80
CA ALA A 560 -17.47 10.95 -14.20
C ALA A 560 -18.63 11.32 -15.12
N GLY A 561 -18.33 11.94 -16.26
CA GLY A 561 -19.31 12.30 -17.29
C GLY A 561 -19.06 11.55 -18.59
N TYR A 562 -20.12 11.03 -19.19
CA TYR A 562 -20.12 10.31 -20.49
C TYR A 562 -21.31 10.80 -21.31
N PHE A 563 -21.45 10.31 -22.53
CA PHE A 563 -22.62 10.61 -23.40
C PHE A 563 -22.91 9.40 -24.31
N GLU A 564 -24.19 9.31 -24.70
CA GLU A 564 -24.67 8.56 -25.88
C GLU A 564 -25.21 9.58 -26.88
N THR A 565 -25.14 9.29 -28.17
CA THR A 565 -25.76 10.11 -29.24
C THR A 565 -26.39 9.20 -30.29
N VAL A 566 -27.61 9.55 -30.71
CA VAL A 566 -28.31 9.00 -31.91
C VAL A 566 -27.90 9.85 -33.10
N LEU A 567 -26.98 9.34 -33.93
CA LEU A 567 -26.66 9.98 -35.24
C LEU A 567 -27.89 9.90 -36.12
N TYR A 568 -28.41 8.68 -36.27
CA TYR A 568 -29.59 8.35 -37.10
C TYR A 568 -30.13 6.98 -36.72
N GLN A 569 -31.44 6.89 -36.45
CA GLN A 569 -32.17 5.63 -36.17
C GLN A 569 -31.40 4.83 -35.12
N ASP A 570 -30.94 3.62 -35.47
CA ASP A 570 -30.25 2.68 -34.55
C ASP A 570 -28.73 2.92 -34.58
N ILE A 571 -28.24 3.75 -35.51
CA ILE A 571 -26.79 4.11 -35.56
C ILE A 571 -26.51 5.07 -34.40
N THR A 572 -25.47 4.77 -33.62
CA THR A 572 -25.12 5.55 -32.40
C THR A 572 -23.62 5.48 -32.11
N LEU A 573 -23.13 6.55 -31.47
CA LEU A 573 -21.83 6.60 -30.75
C LEU A 573 -22.13 6.72 -29.26
N SER A 574 -21.25 6.15 -28.43
CA SER A 574 -21.38 6.10 -26.95
C SER A 574 -20.00 5.93 -26.32
N ILE A 575 -19.73 6.63 -25.21
CA ILE A 575 -18.54 6.42 -24.36
C ILE A 575 -18.98 6.02 -22.94
N ARG A 576 -20.28 5.86 -22.74
CA ARG A 576 -20.92 5.26 -21.54
C ARG A 576 -20.43 3.81 -21.43
N PRO A 577 -19.64 3.46 -20.39
CA PRO A 577 -18.92 2.18 -20.36
C PRO A 577 -19.78 0.95 -20.69
N GLU A 578 -21.06 0.98 -20.32
CA GLU A 578 -22.04 -0.12 -20.53
C GLU A 578 -22.25 -0.34 -22.03
N THR A 579 -22.46 0.73 -22.80
CA THR A 579 -22.86 0.71 -24.23
C THR A 579 -21.75 1.31 -25.11
N HIS A 580 -20.52 1.34 -24.59
CA HIS A 580 -19.35 2.01 -25.21
C HIS A 580 -19.12 1.42 -26.61
N SER A 581 -19.16 2.26 -27.65
CA SER A 581 -18.90 1.87 -29.07
C SER A 581 -17.51 1.24 -29.16
N PRO A 582 -17.38 -0.03 -29.61
CA PRO A 582 -16.11 -0.75 -29.53
C PRO A 582 -14.98 -0.11 -30.36
N GLY A 583 -13.83 0.11 -29.72
CA GLY A 583 -12.56 0.50 -30.38
C GLY A 583 -12.48 1.99 -30.70
N MET A 584 -13.42 2.80 -30.19
CA MET A 584 -13.53 4.25 -30.52
C MET A 584 -12.82 5.07 -29.43
N PHE A 585 -11.70 5.72 -29.79
CA PHE A 585 -10.80 6.46 -28.87
C PHE A 585 -11.04 7.98 -28.95
N SER A 586 -11.90 8.44 -29.86
CA SER A 586 -12.17 9.88 -30.12
C SER A 586 -12.36 10.64 -28.81
N TRP A 587 -13.22 10.13 -27.90
CA TRP A 587 -13.57 10.81 -26.63
C TRP A 587 -13.10 9.99 -25.42
N PHE A 588 -12.44 10.65 -24.47
CA PHE A 588 -12.25 10.18 -23.07
C PHE A 588 -13.39 10.71 -22.21
N PRO A 589 -13.59 10.17 -20.99
CA PRO A 589 -14.56 10.73 -20.05
C PRO A 589 -14.16 12.10 -19.51
N ILE A 590 -15.14 12.87 -19.06
CA ILE A 590 -14.94 14.17 -18.33
C ILE A 590 -14.90 13.85 -16.84
N LEU A 591 -14.56 14.83 -16.00
CA LEU A 591 -14.61 14.71 -14.52
C LEU A 591 -14.99 16.07 -13.92
N PHE A 592 -16.15 16.13 -13.25
CA PHE A 592 -16.55 17.26 -12.37
C PHE A 592 -16.11 16.96 -10.95
N PRO A 593 -15.00 17.55 -10.47
CA PRO A 593 -14.54 17.34 -9.09
C PRO A 593 -15.38 18.15 -8.10
N ILE A 594 -15.12 17.93 -6.80
CA ILE A 594 -15.71 18.70 -5.66
C ILE A 594 -14.56 19.14 -4.73
N LYS A 595 -14.65 20.34 -4.17
CA LYS A 595 -13.62 20.99 -3.32
C LYS A 595 -13.20 20.04 -2.19
N GLN A 596 -14.18 19.57 -1.41
CA GLN A 596 -13.98 18.74 -0.19
C GLN A 596 -14.51 17.33 -0.46
N PRO A 597 -13.74 16.26 -0.17
CA PRO A 597 -14.24 14.90 -0.35
C PRO A 597 -15.32 14.60 0.69
N ILE A 598 -16.43 14.00 0.26
CA ILE A 598 -17.63 13.72 1.09
C ILE A 598 -17.62 12.23 1.46
N THR A 599 -17.55 11.92 2.76
CA THR A 599 -17.65 10.52 3.26
C THR A 599 -19.07 10.00 2.98
N VAL A 600 -19.17 8.78 2.47
CA VAL A 600 -20.46 8.12 2.12
C VAL A 600 -20.43 6.69 2.67
N ARG A 601 -21.53 6.26 3.28
CA ARG A 601 -21.65 4.96 3.99
C ARG A 601 -22.62 4.06 3.23
N GLU A 602 -22.34 2.75 3.24
CA GLU A 602 -23.21 1.67 2.70
C GLU A 602 -24.68 2.03 2.93
N GLY A 603 -25.49 2.00 1.87
CA GLY A 603 -26.96 2.20 1.93
C GLY A 603 -27.38 3.62 1.61
N GLN A 604 -26.51 4.61 1.87
CA GLN A 604 -26.85 6.05 1.71
C GLN A 604 -26.99 6.41 0.22
N THR A 605 -27.73 7.48 -0.05
CA THR A 605 -27.94 8.07 -1.39
C THR A 605 -27.07 9.32 -1.56
N ILE A 606 -26.20 9.31 -2.56
CA ILE A 606 -25.56 10.54 -3.12
C ILE A 606 -26.62 11.23 -3.99
N CYS A 607 -26.99 12.47 -3.64
CA CYS A 607 -27.86 13.35 -4.47
C CYS A 607 -27.00 14.50 -5.02
N VAL A 608 -26.75 14.49 -6.32
CA VAL A 608 -26.02 15.57 -7.05
C VAL A 608 -27.05 16.38 -7.86
N ARG A 609 -26.79 17.67 -8.01
CA ARG A 609 -27.62 18.63 -8.79
C ARG A 609 -26.72 19.24 -9.87
N PHE A 610 -27.21 19.35 -11.11
CA PHE A 610 -26.47 19.95 -12.25
C PHE A 610 -27.34 20.98 -12.96
N TRP A 611 -26.78 22.17 -13.14
CA TRP A 611 -27.35 23.28 -13.94
C TRP A 611 -26.49 23.49 -15.19
N ARG A 612 -27.13 23.60 -16.36
CA ARG A 612 -26.54 24.22 -17.58
C ARG A 612 -27.06 25.66 -17.64
N CYS A 613 -26.15 26.64 -17.70
CA CYS A 613 -26.44 28.10 -17.64
C CYS A 613 -25.83 28.79 -18.86
N SER A 614 -26.32 29.97 -19.23
CA SER A 614 -25.76 30.74 -20.38
C SER A 614 -26.19 32.21 -20.37
N ASN A 615 -25.24 33.06 -20.78
CA ASN A 615 -25.43 34.43 -21.32
C ASN A 615 -25.60 34.36 -22.85
N SER A 616 -25.66 35.53 -23.46
CA SER A 616 -25.40 35.82 -24.90
C SER A 616 -23.94 35.52 -25.28
N LYS A 617 -23.03 35.47 -24.30
CA LYS A 617 -21.55 35.47 -24.49
C LYS A 617 -20.93 34.10 -24.17
N LYS A 618 -21.35 33.45 -23.07
CA LYS A 618 -20.69 32.24 -22.52
C LYS A 618 -21.74 31.25 -22.02
N VAL A 619 -21.39 29.95 -22.00
CA VAL A 619 -22.20 28.81 -21.48
C VAL A 619 -21.35 28.08 -20.44
N TRP A 620 -21.97 27.62 -19.34
CA TRP A 620 -21.24 26.97 -18.21
C TRP A 620 -22.16 26.02 -17.44
N TYR A 621 -21.57 24.99 -16.82
CA TYR A 621 -22.21 24.12 -15.80
C TYR A 621 -21.86 24.66 -14.40
N GLU A 622 -22.87 24.73 -13.53
CA GLU A 622 -22.72 24.80 -12.05
C GLU A 622 -23.19 23.45 -11.49
N TRP A 623 -22.76 23.06 -10.29
CA TRP A 623 -23.20 21.78 -9.67
C TRP A 623 -22.96 21.79 -8.16
N ALA A 624 -23.64 20.87 -7.45
CA ALA A 624 -23.67 20.78 -5.98
C ALA A 624 -24.10 19.37 -5.55
N VAL A 625 -23.63 18.96 -4.37
CA VAL A 625 -24.01 17.69 -3.68
C VAL A 625 -24.94 18.08 -2.51
N THR A 626 -26.13 17.47 -2.42
CA THR A 626 -27.18 17.81 -1.41
C THR A 626 -27.39 16.63 -0.44
N ALA A 627 -26.85 15.45 -0.76
CA ALA A 627 -26.90 14.23 0.06
C ALA A 627 -25.68 13.38 -0.23
N PRO A 628 -25.11 12.67 0.77
CA PRO A 628 -25.61 12.67 2.15
C PRO A 628 -25.34 13.95 2.97
N VAL A 629 -24.35 14.77 2.58
CA VAL A 629 -24.10 16.14 3.12
C VAL A 629 -24.17 17.13 1.93
N CYS A 630 -24.42 18.41 2.20
CA CYS A 630 -24.37 19.48 1.17
C CYS A 630 -22.93 19.90 0.92
N SER A 631 -22.54 20.06 -0.36
CA SER A 631 -21.34 20.78 -0.81
C SER A 631 -21.70 22.26 -0.98
N ALA A 632 -20.71 23.11 -1.24
CA ALA A 632 -20.91 24.47 -1.79
C ALA A 632 -21.23 24.33 -3.29
N ILE A 633 -22.05 25.22 -3.83
CA ILE A 633 -22.36 25.27 -5.29
C ILE A 633 -21.06 25.60 -6.01
N HIS A 634 -20.65 24.73 -6.95
CA HIS A 634 -19.38 24.84 -7.73
C HIS A 634 -19.62 25.72 -8.96
N ASN A 635 -18.74 26.70 -9.18
CA ASN A 635 -18.67 27.54 -10.41
C ASN A 635 -19.89 28.45 -10.51
N PRO A 636 -20.36 29.10 -9.43
CA PRO A 636 -21.46 30.06 -9.54
C PRO A 636 -21.05 31.21 -10.46
N THR A 637 -21.92 31.62 -11.38
CA THR A 637 -21.69 32.77 -12.31
C THR A 637 -20.74 32.34 -13.44
N GLY A 638 -20.35 31.07 -13.49
CA GLY A 638 -19.28 30.56 -14.36
C GLY A 638 -17.95 31.24 -14.05
N ARG A 639 -17.71 31.59 -12.79
CA ARG A 639 -16.55 32.40 -12.34
C ARG A 639 -15.23 31.69 -12.65
N SER A 640 -15.20 30.37 -12.47
CA SER A 640 -13.98 29.52 -12.58
C SER A 640 -13.88 28.94 -13.99
N TYR A 641 -15.04 28.62 -14.58
CA TYR A 641 -15.16 27.87 -15.84
C TYR A 641 -16.36 28.35 -16.66
N THR A 642 -16.10 28.86 -17.87
CA THR A 642 -17.13 29.09 -18.92
C THR A 642 -16.58 28.67 -20.27
N ILE A 643 -17.46 28.17 -21.12
CA ILE A 643 -17.20 27.90 -22.56
C ILE A 643 -17.77 29.07 -23.37
N GLY A 644 -16.92 29.70 -24.18
CA GLY A 644 -17.22 30.95 -24.91
C GLY A 644 -17.93 30.67 -26.22
N LEU A 645 -19.11 31.25 -26.39
CA LEU A 645 -19.92 31.18 -27.65
C LEU A 645 -19.11 31.76 -28.81
N PRO B 28 41.25 -22.02 21.11
CA PRO B 28 40.67 -21.19 20.04
C PRO B 28 41.04 -21.64 18.64
N PRO B 29 41.08 -22.97 18.31
CA PRO B 29 41.32 -23.38 16.92
C PRO B 29 40.15 -22.83 16.10
N ASN B 30 40.41 -22.32 14.89
CA ASN B 30 39.35 -21.69 14.05
C ASN B 30 38.90 -20.40 14.77
N ALA B 31 37.64 -20.34 15.21
CA ALA B 31 37.09 -19.26 16.06
C ALA B 31 37.08 -17.94 15.31
N PRO B 32 36.68 -16.82 15.93
CA PRO B 32 36.75 -15.51 15.30
C PRO B 32 37.90 -14.71 15.92
N ALA B 33 38.55 -13.85 15.13
CA ALA B 33 39.68 -13.01 15.59
C ALA B 33 39.15 -11.99 16.62
N CYS B 34 37.99 -11.38 16.35
CA CYS B 34 37.42 -10.31 17.21
C CYS B 34 35.95 -10.59 17.56
N MET B 35 35.57 -10.15 18.76
CA MET B 35 34.22 -10.31 19.36
C MET B 35 33.38 -9.08 19.02
N GLU B 36 32.15 -9.30 18.54
CA GLU B 36 31.19 -8.23 18.18
C GLU B 36 30.89 -7.37 19.41
N ARG B 37 30.70 -6.06 19.18
CA ARG B 37 30.51 -5.02 20.25
C ARG B 37 29.35 -5.42 21.17
N GLN B 38 28.24 -5.89 20.58
CA GLN B 38 26.94 -6.04 21.28
C GLN B 38 26.80 -7.47 21.83
N LEU B 39 27.05 -7.64 23.14
CA LEU B 39 26.80 -8.91 23.88
C LEU B 39 25.29 -9.02 24.16
N GLU B 40 24.64 -10.07 23.65
CA GLU B 40 23.16 -10.27 23.73
C GLU B 40 22.80 -11.26 24.83
N ALA B 41 23.44 -12.44 24.88
CA ALA B 41 23.09 -13.54 25.82
C ALA B 41 24.33 -13.97 26.62
N ALA B 42 24.11 -14.51 27.84
CA ALA B 42 25.14 -14.96 28.80
C ALA B 42 24.54 -16.03 29.74
N ARG B 43 24.92 -17.30 29.54
CA ARG B 43 24.36 -18.48 30.27
C ARG B 43 25.49 -19.36 30.83
N TYR B 44 25.45 -19.66 32.13
CA TYR B 44 26.32 -20.63 32.83
C TYR B 44 25.82 -22.06 32.56
N ARG B 45 26.75 -23.00 32.36
CA ARG B 45 26.52 -24.47 32.35
C ARG B 45 26.31 -24.93 33.80
N SER B 46 26.26 -26.23 34.06
CA SER B 46 26.35 -26.83 35.42
C SER B 46 27.82 -26.95 35.84
N ASP B 47 28.73 -27.13 34.87
CA ASP B 47 30.21 -27.14 35.05
C ASP B 47 30.69 -25.87 35.75
N GLY B 48 30.16 -24.71 35.33
CA GLY B 48 30.68 -23.38 35.69
C GLY B 48 31.16 -22.62 34.46
N ALA B 49 31.16 -23.26 33.29
CA ALA B 49 31.53 -22.68 31.97
C ALA B 49 30.52 -21.59 31.59
N LEU B 50 30.91 -20.65 30.72
CA LEU B 50 30.08 -19.47 30.33
C LEU B 50 29.93 -19.42 28.81
N LEU B 51 28.68 -19.42 28.34
CA LEU B 51 28.30 -19.27 26.91
C LEU B 51 27.88 -17.81 26.65
N LEU B 52 28.47 -17.18 25.63
CA LEU B 52 28.12 -15.80 25.20
C LEU B 52 27.55 -15.83 23.78
N GLY B 53 26.36 -15.23 23.60
CA GLY B 53 25.85 -14.78 22.30
C GLY B 53 26.20 -13.32 22.08
N ALA B 54 26.76 -12.98 20.93
CA ALA B 54 27.12 -11.60 20.54
C ALA B 54 26.62 -11.33 19.11
N SER B 55 25.99 -10.16 18.91
CA SER B 55 25.53 -9.65 17.59
C SER B 55 26.34 -8.40 17.22
N SER B 56 26.46 -8.13 15.92
CA SER B 56 26.97 -6.85 15.34
C SER B 56 25.78 -5.99 14.92
N LEU B 57 25.42 -4.99 15.72
CA LEU B 57 24.20 -4.15 15.53
C LEU B 57 24.56 -2.82 14.85
N SER B 58 25.79 -2.70 14.34
CA SER B 58 26.30 -1.51 13.62
C SER B 58 27.60 -1.87 12.90
N GLY B 59 27.85 -1.24 11.75
CA GLY B 59 29.10 -1.39 10.98
C GLY B 59 28.89 -2.21 9.72
N ARG B 60 29.97 -2.49 8.99
CA ARG B 60 29.96 -3.10 7.63
C ARG B 60 29.17 -4.42 7.66
N CYS B 61 29.39 -5.26 8.67
CA CYS B 61 28.92 -6.66 8.76
C CYS B 61 27.96 -6.81 9.94
N TRP B 62 26.71 -7.19 9.67
CA TRP B 62 25.62 -7.37 10.68
C TRP B 62 25.45 -8.86 10.98
N ALA B 63 26.45 -9.47 11.62
CA ALA B 63 26.50 -10.91 11.94
C ALA B 63 26.46 -11.11 13.46
N GLY B 64 26.67 -12.34 13.91
CA GLY B 64 26.77 -12.71 15.34
C GLY B 64 27.72 -13.88 15.54
N SER B 65 27.93 -14.27 16.80
CA SER B 65 28.99 -15.22 17.19
C SER B 65 28.66 -15.88 18.54
N LEU B 66 29.05 -17.15 18.67
CA LEU B 66 28.91 -17.99 19.89
C LEU B 66 30.30 -18.24 20.48
N TRP B 67 30.40 -18.22 21.81
CA TRP B 67 31.66 -18.35 22.58
C TRP B 67 31.43 -19.21 23.83
N LEU B 68 32.30 -20.20 24.07
CA LEU B 68 32.39 -20.92 25.37
C LEU B 68 33.63 -20.43 26.12
N PHE B 69 33.52 -20.26 27.45
CA PHE B 69 34.56 -19.74 28.36
C PHE B 69 34.65 -20.65 29.60
N LYS B 70 35.48 -21.69 29.55
CA LYS B 70 35.72 -22.61 30.70
C LYS B 70 36.30 -21.80 31.87
N ASP B 71 36.91 -20.65 31.58
CA ASP B 71 37.27 -19.59 32.56
C ASP B 71 36.30 -18.42 32.42
N PRO B 72 35.40 -18.18 33.39
CA PRO B 72 34.41 -17.10 33.28
C PRO B 72 34.94 -15.70 33.59
N CYS B 73 36.04 -15.60 34.34
CA CYS B 73 36.69 -14.32 34.73
C CYS B 73 37.56 -13.78 33.58
N ALA B 74 37.75 -14.56 32.52
CA ALA B 74 38.56 -14.20 31.32
C ALA B 74 37.73 -13.35 30.36
N ALA B 75 36.46 -13.69 30.14
CA ALA B 75 35.50 -13.01 29.23
C ALA B 75 35.40 -11.53 29.61
N PRO B 76 35.13 -10.60 28.66
CA PRO B 76 34.84 -10.91 27.26
C PRO B 76 36.03 -11.33 26.38
N ASN B 77 37.26 -11.16 26.88
CA ASN B 77 38.56 -11.40 26.18
C ASN B 77 38.49 -12.62 25.24
N GLU B 78 38.79 -12.41 23.95
CA GLU B 78 38.66 -13.43 22.86
C GLU B 78 39.84 -14.40 22.86
N GLY B 79 40.98 -14.00 23.45
CA GLY B 79 42.22 -14.79 23.46
C GLY B 79 42.15 -15.97 24.43
N PHE B 80 41.54 -15.76 25.60
CA PHE B 80 41.43 -16.75 26.70
C PHE B 80 40.02 -17.34 26.76
N CYS B 81 39.54 -17.87 25.63
CA CYS B 81 38.27 -18.64 25.50
C CYS B 81 38.60 -20.09 25.14
N SER B 82 37.73 -21.03 25.53
CA SER B 82 37.89 -22.49 25.29
C SER B 82 37.46 -22.84 23.86
N ALA B 83 36.48 -22.10 23.30
CA ALA B 83 35.98 -22.28 21.92
C ALA B 83 35.08 -21.10 21.51
N GLY B 84 35.06 -20.79 20.21
CA GLY B 84 34.19 -19.75 19.61
C GLY B 84 33.80 -20.09 18.18
N VAL B 85 32.81 -19.40 17.61
CA VAL B 85 32.34 -19.60 16.21
C VAL B 85 31.54 -18.39 15.73
N GLN B 86 31.51 -18.19 14.41
CA GLN B 86 30.80 -17.09 13.71
C GLN B 86 29.52 -17.63 13.05
N THR B 87 28.38 -16.99 13.34
CA THR B 87 27.04 -17.30 12.74
C THR B 87 26.83 -16.42 11.50
N GLU B 88 26.14 -16.93 10.49
CA GLU B 88 25.66 -16.16 9.32
C GLU B 88 25.18 -14.78 9.76
N ALA B 89 24.34 -14.75 10.82
CA ALA B 89 23.56 -13.56 11.22
C ALA B 89 23.47 -13.47 12.75
N GLY B 90 23.25 -12.24 13.24
CA GLY B 90 23.21 -11.87 14.66
C GLY B 90 22.23 -12.73 15.45
N VAL B 91 22.48 -12.85 16.76
CA VAL B 91 21.74 -13.79 17.66
C VAL B 91 20.82 -12.96 18.58
N ALA B 92 19.50 -13.19 18.49
CA ALA B 92 18.46 -12.46 19.23
C ALA B 92 18.35 -13.01 20.65
N ASP B 93 18.11 -14.32 20.77
CA ASP B 93 18.15 -15.06 22.06
C ASP B 93 19.01 -16.32 21.90
N LEU B 94 19.49 -16.82 23.03
CA LEU B 94 20.29 -18.05 23.15
C LEU B 94 19.67 -18.95 24.21
N THR B 95 20.10 -20.20 24.28
CA THR B 95 19.88 -21.10 25.45
C THR B 95 20.73 -22.37 25.31
N TRP B 96 21.22 -22.86 26.44
CA TRP B 96 21.84 -24.19 26.61
C TRP B 96 20.79 -25.28 26.35
N VAL B 97 21.20 -26.42 25.79
CA VAL B 97 20.34 -27.63 25.59
C VAL B 97 21.14 -28.85 26.08
N GLY B 98 21.06 -29.13 27.38
CA GLY B 98 21.96 -30.08 28.07
C GLY B 98 23.31 -29.44 28.34
N GLU B 99 24.39 -30.11 27.92
CA GLU B 99 25.79 -29.67 28.17
C GLU B 99 26.51 -29.36 26.85
N ARG B 100 26.06 -29.95 25.73
CA ARG B 100 26.71 -29.79 24.40
C ARG B 100 25.82 -28.96 23.45
N GLY B 101 24.50 -29.01 23.61
CA GLY B 101 23.55 -28.35 22.70
C GLY B 101 23.41 -26.86 23.00
N ILE B 102 23.41 -26.02 21.96
CA ILE B 102 23.17 -24.55 22.05
C ILE B 102 22.09 -24.17 21.04
N LEU B 103 20.97 -23.61 21.50
CA LEU B 103 19.84 -23.20 20.63
C LEU B 103 19.85 -21.69 20.43
N VAL B 104 19.71 -21.26 19.18
CA VAL B 104 20.03 -19.90 18.68
C VAL B 104 18.81 -19.36 17.91
N ALA B 105 18.36 -18.16 18.27
CA ALA B 105 17.30 -17.40 17.56
C ALA B 105 17.97 -16.36 16.67
N SER B 106 18.11 -16.65 15.38
CA SER B 106 18.84 -15.81 14.38
C SER B 106 17.92 -14.70 13.85
N ASP B 107 18.52 -13.63 13.35
CA ASP B 107 17.84 -12.54 12.61
C ASP B 107 17.34 -13.08 11.26
N SER B 108 18.02 -14.09 10.70
CA SER B 108 17.75 -14.69 9.37
C SER B 108 16.34 -15.29 9.31
N GLY B 109 15.67 -15.45 10.46
CA GLY B 109 14.35 -16.09 10.59
C GLY B 109 14.49 -17.56 10.90
N ALA B 110 15.73 -18.02 11.09
CA ALA B 110 16.08 -19.44 11.33
C ALA B 110 16.22 -19.71 12.83
N VAL B 111 15.99 -20.96 13.21
CA VAL B 111 16.44 -21.54 14.52
C VAL B 111 17.66 -22.41 14.22
N GLU B 112 18.72 -22.27 15.02
CA GLU B 112 20.00 -23.02 14.85
C GLU B 112 20.29 -23.80 16.14
N LEU B 113 20.53 -25.11 16.01
CA LEU B 113 21.14 -25.95 17.08
C LEU B 113 22.62 -26.16 16.75
N TRP B 114 23.50 -25.66 17.62
CA TRP B 114 24.96 -25.87 17.56
C TRP B 114 25.36 -26.86 18.65
N GLU B 115 25.88 -28.03 18.26
CA GLU B 115 26.35 -29.07 19.19
C GLU B 115 27.84 -28.83 19.47
N LEU B 116 28.19 -28.79 20.76
CA LEU B 116 29.56 -28.62 21.29
C LEU B 116 30.38 -29.87 20.95
N ASP B 117 31.71 -29.75 20.84
CA ASP B 117 32.61 -30.78 20.28
C ASP B 117 32.82 -31.93 21.28
N GLU B 118 33.60 -32.95 20.88
CA GLU B 118 34.10 -34.06 21.72
C GLU B 118 34.93 -33.49 22.88
N ASN B 119 36.01 -32.78 22.55
CA ASN B 119 37.02 -32.25 23.51
C ASN B 119 36.62 -30.83 23.95
N GLU B 120 35.51 -30.32 23.40
CA GLU B 120 34.91 -28.99 23.74
C GLU B 120 35.85 -27.88 23.25
N THR B 121 36.31 -28.00 21.99
CA THR B 121 37.27 -27.09 21.31
C THR B 121 36.61 -26.43 20.09
N LEU B 122 35.76 -27.16 19.37
CA LEU B 122 34.95 -26.64 18.23
C LEU B 122 33.50 -26.43 18.67
N ILE B 123 32.70 -25.81 17.79
CA ILE B 123 31.21 -25.65 17.89
C ILE B 123 30.62 -25.86 16.48
N VAL B 124 30.06 -27.04 16.20
CA VAL B 124 29.61 -27.43 14.82
C VAL B 124 28.10 -27.27 14.71
N SER B 125 27.63 -26.69 13.60
CA SER B 125 26.20 -26.54 13.23
C SER B 125 25.60 -27.93 13.00
N LYS B 126 24.57 -28.28 13.76
CA LYS B 126 23.87 -29.59 13.66
C LYS B 126 22.66 -29.42 12.72
N PHE B 127 21.86 -28.37 12.93
CA PHE B 127 20.78 -27.94 12.00
C PHE B 127 20.64 -26.41 12.03
N CYS B 128 20.13 -25.87 10.92
CA CYS B 128 19.79 -24.44 10.70
C CYS B 128 18.53 -24.35 9.82
N LYS B 129 17.36 -24.27 10.44
CA LYS B 129 16.04 -24.37 9.75
C LYS B 129 15.40 -22.97 9.64
N TYR B 130 15.07 -22.58 8.41
CA TYR B 130 14.43 -21.28 8.04
C TYR B 130 12.92 -21.44 8.01
N GLU B 131 12.25 -21.24 9.15
CA GLU B 131 10.80 -21.50 9.31
C GLU B 131 10.05 -20.20 9.60
N HIS B 132 10.59 -19.30 10.43
CA HIS B 132 9.99 -17.96 10.70
C HIS B 132 10.20 -17.05 9.49
N ASP B 133 9.25 -16.15 9.21
CA ASP B 133 9.26 -15.22 8.04
C ASP B 133 9.91 -13.89 8.42
N ASP B 134 10.28 -13.73 9.69
CA ASP B 134 10.93 -12.50 10.23
C ASP B 134 11.87 -12.92 11.37
N ILE B 135 12.67 -11.99 11.88
CA ILE B 135 13.59 -12.18 13.04
C ILE B 135 12.96 -13.14 14.05
N VAL B 136 13.66 -14.23 14.40
CA VAL B 136 13.32 -15.11 15.57
C VAL B 136 13.81 -14.39 16.81
N SER B 137 12.90 -13.96 17.69
CA SER B 137 13.12 -12.94 18.74
C SER B 137 13.42 -13.58 20.10
N THR B 138 12.97 -14.82 20.33
CA THR B 138 13.08 -15.53 21.64
C THR B 138 13.04 -17.04 21.41
N VAL B 139 13.89 -17.80 22.12
CA VAL B 139 13.79 -19.29 22.24
C VAL B 139 13.81 -19.69 23.72
N SER B 140 13.21 -20.85 24.00
CA SER B 140 13.12 -21.52 25.31
C SER B 140 13.15 -23.03 25.07
N VAL B 141 13.86 -23.78 25.92
CA VAL B 141 13.84 -25.28 25.94
C VAL B 141 12.79 -25.73 26.96
N LEU B 142 12.03 -26.77 26.61
CA LEU B 142 10.98 -27.37 27.46
C LEU B 142 11.61 -28.42 28.38
N SER B 143 10.97 -28.71 29.52
CA SER B 143 11.52 -29.51 30.66
C SER B 143 12.31 -30.72 30.15
N SER B 144 11.80 -31.45 29.14
CA SER B 144 12.39 -32.70 28.60
C SER B 144 13.81 -32.46 28.06
N GLY B 145 14.03 -31.33 27.39
CA GLY B 145 15.28 -31.02 26.66
C GLY B 145 15.32 -31.68 25.29
N THR B 146 14.19 -32.23 24.83
CA THR B 146 14.02 -32.84 23.48
C THR B 146 13.26 -31.87 22.57
N GLN B 147 12.63 -30.84 23.15
CA GLN B 147 11.69 -29.91 22.46
C GLN B 147 12.01 -28.47 22.87
N ALA B 148 11.78 -27.52 21.95
CA ALA B 148 11.92 -26.07 22.17
C ALA B 148 10.75 -25.33 21.52
N VAL B 149 10.45 -24.13 22.02
CA VAL B 149 9.40 -23.21 21.47
C VAL B 149 10.10 -21.89 21.10
N SER B 150 9.86 -21.41 19.87
CA SER B 150 10.47 -20.18 19.29
C SER B 150 9.38 -19.13 19.05
N GLY B 151 9.58 -17.92 19.58
CA GLY B 151 8.75 -16.73 19.31
C GLY B 151 9.48 -15.78 18.40
N SER B 152 8.76 -15.04 17.55
CA SER B 152 9.32 -14.26 16.42
C SER B 152 8.57 -12.93 16.27
N LYS B 153 8.96 -12.14 15.26
CA LYS B 153 8.33 -10.84 14.89
C LYS B 153 7.24 -11.08 13.85
N ASP B 154 7.25 -12.26 13.23
CA ASP B 154 6.18 -12.76 12.32
C ASP B 154 4.90 -13.00 13.13
N ILE B 155 4.99 -12.99 14.47
CA ILE B 155 3.85 -13.12 15.43
C ILE B 155 3.63 -14.60 15.73
N CYS B 156 4.16 -15.49 14.87
CA CYS B 156 4.04 -16.96 15.02
C CYS B 156 4.76 -17.41 16.28
N ILE B 157 4.30 -18.53 16.84
CA ILE B 157 5.00 -19.33 17.87
C ILE B 157 5.10 -20.76 17.34
N LYS B 158 6.21 -21.43 17.58
CA LYS B 158 6.43 -22.79 17.03
C LYS B 158 7.06 -23.69 18.09
N VAL B 159 6.70 -24.97 18.03
CA VAL B 159 7.26 -26.05 18.89
C VAL B 159 8.09 -26.97 18.01
N TRP B 160 9.33 -27.23 18.43
CA TRP B 160 10.38 -27.96 17.67
C TRP B 160 10.58 -29.35 18.29
N ASP B 161 10.88 -30.35 17.46
CA ASP B 161 11.59 -31.58 17.90
C ASP B 161 13.07 -31.41 17.53
N LEU B 162 13.94 -31.31 18.54
CA LEU B 162 15.39 -31.03 18.38
C LEU B 162 16.11 -32.29 17.89
N ALA B 163 15.51 -33.46 18.10
CA ALA B 163 15.95 -34.76 17.55
C ALA B 163 15.63 -34.82 16.05
N GLN B 164 14.36 -34.62 15.68
CA GLN B 164 13.85 -34.79 14.29
C GLN B 164 14.21 -33.58 13.41
N GLN B 165 14.43 -32.41 14.03
CA GLN B 165 14.79 -31.14 13.34
C GLN B 165 13.62 -30.66 12.48
N VAL B 166 12.44 -30.48 13.09
CA VAL B 166 11.21 -30.05 12.36
C VAL B 166 10.26 -29.34 13.33
N VAL B 167 9.34 -28.55 12.75
CA VAL B 167 8.20 -27.89 13.45
C VAL B 167 7.11 -28.93 13.65
N LEU B 168 6.79 -29.29 14.90
CA LEU B 168 5.62 -30.15 15.22
C LEU B 168 4.35 -29.30 15.05
N SER B 169 4.26 -28.18 15.77
CA SER B 169 3.10 -27.25 15.80
C SER B 169 3.53 -25.83 15.44
N SER B 170 2.57 -25.05 14.91
CA SER B 170 2.74 -23.63 14.48
C SER B 170 1.47 -22.84 14.85
N TYR B 171 1.53 -22.06 15.94
CA TYR B 171 0.36 -21.33 16.49
C TYR B 171 0.55 -19.82 16.27
N ARG B 172 -0.31 -19.20 15.47
CA ARG B 172 -0.48 -17.72 15.37
C ARG B 172 -1.53 -17.29 16.40
N ALA B 173 -1.14 -17.22 17.68
CA ALA B 173 -2.03 -16.80 18.78
C ALA B 173 -2.18 -15.27 18.77
N HIS B 174 -1.07 -14.56 18.51
CA HIS B 174 -0.95 -13.10 18.76
C HIS B 174 -1.36 -12.28 17.53
N ALA B 175 -1.48 -10.97 17.71
CA ALA B 175 -1.82 -9.95 16.68
C ALA B 175 -0.69 -8.93 16.55
N ALA B 176 0.48 -9.24 17.12
CA ALA B 176 1.69 -8.38 17.12
C ALA B 176 2.92 -9.24 17.37
N GLN B 177 4.11 -8.71 17.08
CA GLN B 177 5.40 -9.45 17.18
C GLN B 177 5.57 -9.97 18.62
N VAL B 178 6.05 -11.21 18.74
CA VAL B 178 6.19 -11.97 20.02
C VAL B 178 7.50 -11.52 20.66
N THR B 179 7.44 -11.03 21.90
CA THR B 179 8.58 -10.43 22.64
C THR B 179 9.41 -11.53 23.31
N CYS B 180 8.75 -12.39 24.09
CA CYS B 180 9.38 -13.38 25.02
C CYS B 180 8.50 -14.63 25.12
N VAL B 181 9.10 -15.83 25.00
CA VAL B 181 8.44 -17.13 25.33
C VAL B 181 9.30 -17.85 26.37
N ALA B 182 8.66 -18.45 27.38
CA ALA B 182 9.31 -19.08 28.55
C ALA B 182 8.60 -20.41 28.88
N ALA B 183 9.27 -21.54 28.61
CA ALA B 183 8.80 -22.91 28.93
C ALA B 183 8.66 -23.07 30.45
N SER B 184 7.57 -23.69 30.91
CA SER B 184 7.36 -23.99 32.35
C SER B 184 8.48 -24.91 32.82
N PRO B 185 8.90 -24.80 34.10
CA PRO B 185 10.03 -25.59 34.61
C PRO B 185 9.90 -27.10 34.33
N HIS B 186 8.68 -27.64 34.44
CA HIS B 186 8.44 -29.08 34.73
C HIS B 186 7.42 -29.73 33.77
N LYS B 187 6.94 -29.04 32.72
CA LYS B 187 5.89 -29.57 31.81
C LYS B 187 6.21 -29.18 30.35
N ASP B 188 6.45 -30.18 29.50
CA ASP B 188 6.67 -30.04 28.03
C ASP B 188 5.41 -29.47 27.37
N SER B 189 4.27 -29.60 28.04
CA SER B 189 2.92 -29.17 27.58
C SER B 189 2.77 -27.65 27.69
N VAL B 190 3.35 -27.06 28.74
CA VAL B 190 3.06 -25.68 29.23
C VAL B 190 4.22 -24.74 28.88
N PHE B 191 3.90 -23.48 28.58
CA PHE B 191 4.85 -22.34 28.45
C PHE B 191 4.07 -21.02 28.36
N LEU B 192 4.70 -19.94 28.79
CA LEU B 192 4.18 -18.54 28.65
C LEU B 192 4.67 -17.97 27.31
N SER B 193 3.88 -17.08 26.71
CA SER B 193 4.34 -16.09 25.70
C SER B 193 3.70 -14.74 26.00
N CYS B 194 4.44 -13.65 25.73
CA CYS B 194 3.97 -12.25 25.85
C CYS B 194 4.35 -11.50 24.57
N SER B 195 3.46 -10.63 24.09
CA SER B 195 3.57 -9.95 22.77
C SER B 195 3.24 -8.46 22.90
N GLU B 196 3.46 -7.71 21.81
CA GLU B 196 3.20 -6.25 21.72
C GLU B 196 1.69 -5.98 21.62
N ASP B 197 0.87 -7.03 21.47
CA ASP B 197 -0.62 -6.94 21.42
C ASP B 197 -1.18 -6.88 22.86
N ASN B 198 -0.31 -6.77 23.87
CA ASN B 198 -0.64 -6.56 25.31
C ASN B 198 -1.01 -7.89 25.98
N ARG B 199 -1.02 -8.99 25.21
CA ARG B 199 -1.45 -10.33 25.68
C ARG B 199 -0.28 -11.03 26.39
N ILE B 200 -0.52 -11.52 27.60
CA ILE B 200 0.27 -12.62 28.25
C ILE B 200 -0.54 -13.90 28.10
N LEU B 201 0.02 -14.90 27.42
CA LEU B 201 -0.65 -16.21 27.19
C LEU B 201 -0.05 -17.28 28.10
N LEU B 202 -0.91 -18.14 28.63
CA LEU B 202 -0.55 -19.41 29.33
C LEU B 202 -0.95 -20.57 28.43
N TRP B 203 0.03 -21.30 27.91
CA TRP B 203 -0.17 -22.38 26.91
C TRP B 203 -0.31 -23.73 27.62
N ASP B 204 -0.90 -24.69 26.90
CA ASP B 204 -1.05 -26.11 27.31
C ASP B 204 -1.41 -26.89 26.05
N THR B 205 -0.43 -27.51 25.39
CA THR B 205 -0.56 -28.14 24.04
C THR B 205 -1.59 -29.28 24.08
N ARG B 206 -2.05 -29.70 25.27
CA ARG B 206 -3.00 -30.83 25.46
C ARG B 206 -4.45 -30.36 25.21
N CYS B 207 -4.74 -29.06 25.38
CA CYS B 207 -6.07 -28.46 25.06
C CYS B 207 -6.21 -28.26 23.54
N PRO B 208 -7.43 -28.36 22.97
CA PRO B 208 -7.65 -28.06 21.56
C PRO B 208 -7.60 -26.54 21.28
N LYS B 209 -7.84 -25.71 22.31
CA LYS B 209 -7.53 -24.26 22.34
C LYS B 209 -6.42 -24.04 23.37
N PRO B 210 -5.14 -24.20 22.98
CA PRO B 210 -4.02 -24.17 23.93
C PRO B 210 -3.96 -22.92 24.83
N ALA B 211 -4.02 -21.73 24.24
CA ALA B 211 -3.66 -20.45 24.88
C ALA B 211 -4.79 -19.96 25.80
N SER B 212 -4.43 -19.18 26.82
CA SER B 212 -5.34 -18.56 27.81
C SER B 212 -4.78 -17.19 28.22
N GLN B 213 -5.49 -16.10 27.92
CA GLN B 213 -5.06 -14.71 28.22
C GLN B 213 -5.21 -14.46 29.73
N ILE B 214 -4.16 -13.93 30.38
CA ILE B 214 -4.07 -13.74 31.86
C ILE B 214 -3.31 -12.45 32.18
N GLY B 215 -3.43 -11.98 33.42
CA GLY B 215 -2.79 -10.73 33.90
C GLY B 215 -3.70 -9.97 34.86
N CYS B 216 -3.38 -8.69 35.11
CA CYS B 216 -4.03 -7.84 36.15
C CYS B 216 -5.46 -7.47 35.72
N SER B 217 -6.18 -6.78 36.61
CA SER B 217 -7.59 -6.32 36.41
C SER B 217 -7.66 -5.32 35.24
N ALA B 218 -6.66 -4.46 35.10
CA ALA B 218 -6.62 -3.34 34.10
C ALA B 218 -5.96 -3.81 32.81
N PRO B 219 -5.99 -2.98 31.73
CA PRO B 219 -5.17 -3.22 30.54
C PRO B 219 -3.66 -3.24 30.83
N GLY B 220 -3.10 -2.12 31.33
CA GLY B 220 -1.68 -1.98 31.71
C GLY B 220 -0.74 -1.93 30.51
N TYR B 221 0.54 -1.60 30.75
CA TYR B 221 1.59 -1.37 29.74
C TYR B 221 2.08 -2.72 29.18
N LEU B 222 2.74 -2.71 28.01
CA LEU B 222 3.10 -3.93 27.25
C LEU B 222 4.04 -4.80 28.06
N PRO B 223 3.89 -6.14 27.98
CA PRO B 223 4.82 -7.09 28.61
C PRO B 223 6.07 -7.29 27.74
N THR B 224 7.23 -7.41 28.39
CA THR B 224 8.58 -7.25 27.79
C THR B 224 9.53 -8.36 28.24
N SER B 225 9.13 -9.21 29.19
CA SER B 225 10.02 -10.19 29.88
C SER B 225 9.19 -11.13 30.75
N LEU B 226 9.58 -12.42 30.82
CA LEU B 226 8.83 -13.50 31.52
C LEU B 226 9.80 -14.43 32.26
N ALA B 227 9.62 -14.59 33.57
CA ALA B 227 10.37 -15.52 34.43
C ALA B 227 9.41 -16.41 35.22
N TRP B 228 9.30 -17.68 34.83
CA TRP B 228 8.72 -18.79 35.62
C TRP B 228 9.49 -18.92 36.94
N HIS B 229 8.77 -19.02 38.07
CA HIS B 229 9.34 -19.34 39.41
C HIS B 229 9.84 -20.78 39.36
N PRO B 230 10.96 -21.11 40.06
CA PRO B 230 11.60 -22.42 39.94
C PRO B 230 10.82 -23.54 40.66
N GLN B 231 10.13 -23.23 41.77
CA GLN B 231 9.47 -24.25 42.65
C GLN B 231 7.98 -24.40 42.35
N GLN B 232 7.27 -23.32 41.98
CA GLN B 232 5.83 -23.40 41.66
C GLN B 232 5.62 -22.99 40.20
N SER B 233 5.22 -23.95 39.36
CA SER B 233 4.52 -23.69 38.07
C SER B 233 3.26 -22.87 38.40
N GLU B 234 2.92 -22.79 39.69
CA GLU B 234 1.84 -21.95 40.25
C GLU B 234 2.05 -20.48 39.81
N VAL B 235 3.28 -19.95 39.98
CA VAL B 235 3.54 -18.48 39.90
C VAL B 235 4.70 -18.18 38.96
N PHE B 236 4.72 -16.96 38.43
CA PHE B 236 5.78 -16.39 37.57
C PHE B 236 5.72 -14.86 37.70
N VAL B 237 6.78 -14.19 37.24
CA VAL B 237 6.86 -12.70 37.19
C VAL B 237 7.01 -12.27 35.73
N PHE B 238 6.33 -11.18 35.35
CA PHE B 238 6.46 -10.51 34.03
C PHE B 238 6.88 -9.05 34.26
N GLY B 239 7.73 -8.52 33.38
CA GLY B 239 8.15 -7.11 33.37
C GLY B 239 7.48 -6.36 32.24
N ASP B 240 6.88 -5.20 32.52
CA ASP B 240 6.24 -4.34 31.49
C ASP B 240 7.26 -3.29 31.03
N GLU B 241 6.95 -2.61 29.92
CA GLU B 241 7.85 -1.64 29.21
C GLU B 241 8.02 -0.35 30.02
N ASN B 242 7.18 -0.10 31.03
CA ASN B 242 7.27 1.09 31.92
C ASN B 242 8.10 0.76 33.16
N GLY B 243 8.96 -0.26 33.09
CA GLY B 243 9.94 -0.60 34.13
C GLY B 243 9.30 -1.10 35.42
N THR B 244 8.19 -1.83 35.31
CA THR B 244 7.45 -2.42 36.47
C THR B 244 7.52 -3.94 36.38
N VAL B 245 8.00 -4.60 37.44
CA VAL B 245 7.97 -6.08 37.61
C VAL B 245 6.75 -6.43 38.45
N SER B 246 5.97 -7.42 37.98
CA SER B 246 4.73 -7.92 38.63
C SER B 246 4.84 -9.44 38.81
N LEU B 247 4.20 -9.96 39.86
CA LEU B 247 4.16 -11.39 40.24
C LEU B 247 2.73 -11.90 40.02
N VAL B 248 2.57 -12.96 39.22
CA VAL B 248 1.25 -13.57 38.87
C VAL B 248 1.22 -14.99 39.44
N ASP B 249 0.09 -15.37 40.05
CA ASP B 249 -0.27 -16.77 40.39
C ASP B 249 -1.33 -17.20 39.36
N THR B 250 -1.10 -18.32 38.68
CA THR B 250 -1.88 -18.72 37.48
C THR B 250 -3.35 -18.96 37.86
N LYS B 251 -3.61 -19.65 38.98
CA LYS B 251 -5.01 -19.95 39.41
C LYS B 251 -5.59 -18.75 40.16
N SER B 252 -4.83 -18.08 41.03
CA SER B 252 -5.27 -16.78 41.59
C SER B 252 -5.76 -15.94 40.40
N THR B 253 -5.03 -16.03 39.29
CA THR B 253 -5.35 -15.42 37.98
C THR B 253 -5.42 -13.89 38.16
N SER B 254 -4.81 -13.40 39.24
CA SER B 254 -4.77 -11.96 39.63
C SER B 254 -3.32 -11.58 39.94
N CYS B 255 -2.94 -10.33 39.65
CA CYS B 255 -1.60 -9.78 39.95
C CYS B 255 -1.49 -9.54 41.45
N VAL B 256 -0.88 -10.50 42.16
CA VAL B 256 -0.75 -10.50 43.64
C VAL B 256 0.12 -9.30 44.05
N LEU B 257 1.24 -9.09 43.36
CA LEU B 257 2.25 -8.10 43.79
C LEU B 257 2.87 -7.38 42.59
N SER B 258 3.39 -6.18 42.88
CA SER B 258 4.00 -5.26 41.89
C SER B 258 4.98 -4.30 42.59
N SER B 259 5.91 -3.75 41.82
CA SER B 259 6.91 -2.74 42.26
C SER B 259 7.52 -2.04 41.04
N ALA B 260 7.72 -0.72 41.14
CA ALA B 260 8.41 0.13 40.14
C ALA B 260 9.93 -0.01 40.35
N VAL B 261 10.56 -0.91 39.61
CA VAL B 261 11.96 -1.37 39.81
C VAL B 261 12.90 -0.56 38.92
N HIS B 262 12.49 -0.29 37.67
CA HIS B 262 13.33 0.33 36.62
C HIS B 262 12.70 1.63 36.12
N SER B 263 13.56 2.55 35.66
CA SER B 263 13.18 3.83 35.01
C SER B 263 12.75 3.56 33.56
N GLN B 264 13.08 2.38 33.03
CA GLN B 264 12.85 2.03 31.60
C GLN B 264 12.47 0.56 31.45
N CYS B 265 12.25 0.17 30.19
CA CYS B 265 11.84 -1.18 29.75
C CYS B 265 12.66 -2.23 30.48
N VAL B 266 11.98 -3.26 31.01
CA VAL B 266 12.60 -4.46 31.63
C VAL B 266 12.78 -5.51 30.54
N THR B 267 14.01 -5.86 30.20
CA THR B 267 14.32 -6.77 29.07
C THR B 267 14.54 -8.21 29.54
N GLY B 268 14.73 -8.45 30.84
CA GLY B 268 14.98 -9.81 31.33
C GLY B 268 14.77 -9.97 32.82
N LEU B 269 14.31 -11.16 33.22
CA LEU B 269 14.13 -11.56 34.64
C LEU B 269 14.69 -12.97 34.83
N VAL B 270 15.57 -13.14 35.82
CA VAL B 270 16.29 -14.40 36.11
C VAL B 270 16.31 -14.64 37.62
N PHE B 271 15.69 -15.74 38.07
CA PHE B 271 15.66 -16.20 39.47
C PHE B 271 16.99 -16.89 39.80
N SER B 272 17.49 -16.71 41.03
CA SER B 272 18.75 -17.31 41.55
C SER B 272 18.54 -18.79 41.81
N PRO B 273 19.62 -19.61 41.83
CA PRO B 273 19.52 -21.03 42.20
C PRO B 273 19.29 -21.29 43.71
N HIS B 274 19.37 -20.25 44.54
CA HIS B 274 19.15 -20.27 46.02
C HIS B 274 17.86 -21.03 46.39
N SER B 275 17.76 -21.45 47.66
CA SER B 275 16.57 -22.11 48.27
C SER B 275 15.36 -21.16 48.18
N VAL B 276 15.39 -20.07 48.95
CA VAL B 276 14.44 -18.91 48.82
C VAL B 276 15.01 -17.98 47.76
N PRO B 277 14.62 -18.14 46.47
CA PRO B 277 15.40 -17.59 45.36
C PRO B 277 15.19 -16.08 45.14
N PHE B 278 16.27 -15.37 44.84
CA PHE B 278 16.28 -13.91 44.52
C PHE B 278 15.95 -13.73 43.04
N LEU B 279 15.39 -12.55 42.70
CA LEU B 279 15.03 -12.17 41.31
C LEU B 279 16.03 -11.14 40.79
N ALA B 280 16.76 -11.47 39.72
CA ALA B 280 17.66 -10.55 38.99
C ALA B 280 16.86 -9.86 37.87
N SER B 281 16.98 -8.53 37.76
CA SER B 281 16.12 -7.67 36.91
C SER B 281 16.97 -6.78 35.99
N LEU B 282 16.83 -6.96 34.67
CA LEU B 282 17.58 -6.24 33.61
C LEU B 282 16.71 -5.14 33.03
N SER B 283 17.31 -4.10 32.45
CA SER B 283 16.59 -2.95 31.87
C SER B 283 17.42 -2.24 30.79
N GLU B 284 16.76 -1.35 30.06
CA GLU B 284 17.35 -0.47 29.02
C GLU B 284 17.80 0.86 29.66
N ASP B 285 17.68 0.97 30.99
CA ASP B 285 18.24 2.10 31.77
C ASP B 285 19.65 1.73 32.27
N CYS B 286 20.20 0.62 31.78
CA CYS B 286 21.63 0.24 31.92
C CYS B 286 21.96 -0.16 33.36
N SER B 287 20.94 -0.54 34.14
CA SER B 287 21.08 -0.91 35.57
C SER B 287 20.63 -2.36 35.79
N LEU B 288 21.17 -3.01 36.82
CA LEU B 288 20.76 -4.35 37.31
C LEU B 288 20.15 -4.18 38.71
N ALA B 289 18.99 -4.80 38.94
CA ALA B 289 18.29 -4.87 40.24
C ALA B 289 18.23 -6.34 40.69
N VAL B 290 18.29 -6.58 42.00
CA VAL B 290 18.12 -7.92 42.62
C VAL B 290 17.11 -7.77 43.76
N LEU B 291 16.04 -8.57 43.72
CA LEU B 291 14.83 -8.41 44.59
C LEU B 291 14.51 -9.74 45.28
N ASP B 292 13.98 -9.68 46.50
CA ASP B 292 13.54 -10.86 47.30
C ASP B 292 12.17 -11.30 46.78
N SER B 293 11.51 -12.23 47.48
CA SER B 293 10.20 -12.82 47.10
C SER B 293 9.08 -11.78 47.15
N SER B 294 9.33 -10.60 47.74
CA SER B 294 8.36 -9.47 47.89
C SER B 294 8.75 -8.29 46.98
N LEU B 295 9.71 -8.50 46.06
CA LEU B 295 10.13 -7.53 45.01
C LEU B 295 10.62 -6.22 45.65
N SER B 296 11.52 -6.32 46.62
CA SER B 296 12.15 -5.18 47.34
C SER B 296 13.65 -5.14 47.01
N GLU B 297 14.18 -3.94 46.76
CA GLU B 297 15.58 -3.70 46.27
C GLU B 297 16.59 -4.18 47.31
N LEU B 298 17.37 -5.21 46.98
CA LEU B 298 18.52 -5.73 47.77
C LEU B 298 19.81 -5.11 47.23
N PHE B 299 20.10 -5.36 45.95
CA PHE B 299 21.29 -4.87 45.20
C PHE B 299 20.84 -4.00 44.04
N ARG B 300 21.66 -3.01 43.68
CA ARG B 300 21.51 -2.19 42.44
C ARG B 300 22.92 -1.84 41.94
N SER B 301 23.21 -2.18 40.68
CA SER B 301 24.52 -1.94 40.02
C SER B 301 24.32 -1.06 38.79
N GLN B 302 25.15 -0.03 38.64
CA GLN B 302 25.18 0.89 37.47
C GLN B 302 26.51 0.69 36.74
N ALA B 303 27.13 -0.48 36.95
CA ALA B 303 28.44 -0.90 36.41
C ALA B 303 28.40 -0.88 34.87
N HIS B 304 27.22 -1.08 34.28
CA HIS B 304 27.00 -1.03 32.81
C HIS B 304 26.72 0.41 32.38
N ARG B 305 27.17 0.78 31.18
CA ARG B 305 26.98 2.13 30.56
C ARG B 305 26.35 1.94 29.17
N ASP B 306 25.45 0.96 29.07
CA ASP B 306 24.67 0.59 27.85
C ASP B 306 23.70 -0.54 28.25
N PHE B 307 22.69 -0.84 27.44
CA PHE B 307 21.59 -1.78 27.80
C PHE B 307 22.16 -3.05 28.41
N VAL B 308 21.67 -3.40 29.61
CA VAL B 308 21.92 -4.70 30.30
C VAL B 308 21.05 -5.76 29.61
N ARG B 309 21.67 -6.82 29.10
CA ARG B 309 21.07 -7.71 28.06
C ARG B 309 20.71 -9.09 28.63
N ASP B 310 21.54 -9.67 29.52
CA ASP B 310 21.33 -11.03 30.07
C ASP B 310 21.93 -11.14 31.47
N ALA B 311 21.57 -12.20 32.20
CA ALA B 311 22.10 -12.57 33.53
C ALA B 311 22.04 -14.09 33.72
N THR B 312 23.12 -14.67 34.25
CA THR B 312 23.13 -16.03 34.86
C THR B 312 23.93 -16.00 36.17
N TRP B 313 23.42 -16.71 37.19
CA TRP B 313 24.09 -16.91 38.50
C TRP B 313 25.02 -18.13 38.38
N SER B 314 26.21 -18.03 38.97
CA SER B 314 27.19 -19.15 39.09
C SER B 314 26.55 -20.30 39.86
N PRO B 315 26.55 -21.54 39.31
CA PRO B 315 26.14 -22.72 40.08
C PRO B 315 27.20 -23.08 41.14
N LEU B 316 28.45 -22.71 40.88
CA LEU B 316 29.64 -22.99 41.74
C LEU B 316 29.59 -22.09 42.98
N ASN B 317 29.35 -20.78 42.78
CA ASN B 317 29.13 -19.79 43.87
C ASN B 317 27.76 -19.13 43.66
N HIS B 318 26.77 -19.51 44.48
CA HIS B 318 25.36 -19.06 44.37
C HIS B 318 25.22 -17.55 44.61
N SER B 319 26.21 -16.88 45.21
CA SER B 319 26.17 -15.44 45.57
C SER B 319 26.86 -14.57 44.50
N LEU B 320 27.53 -15.18 43.52
CA LEU B 320 28.18 -14.48 42.37
C LEU B 320 27.21 -14.46 41.17
N LEU B 321 27.02 -13.29 40.56
CA LEU B 321 26.06 -13.05 39.44
C LEU B 321 26.78 -12.35 38.28
N THR B 322 26.56 -12.84 37.04
CA THR B 322 27.25 -12.38 35.81
C THR B 322 26.23 -11.72 34.86
N THR B 323 26.51 -10.50 34.42
CA THR B 323 25.70 -9.70 33.46
C THR B 323 26.55 -9.33 32.24
N VAL B 324 25.91 -9.25 31.06
CA VAL B 324 26.54 -8.75 29.80
C VAL B 324 25.69 -7.61 29.24
N GLY B 325 26.34 -6.59 28.66
CA GLY B 325 25.68 -5.39 28.12
C GLY B 325 26.03 -5.18 26.64
N TRP B 326 25.48 -4.13 26.03
CA TRP B 326 25.89 -3.65 24.68
C TRP B 326 27.17 -2.82 24.82
N ASP B 327 27.58 -2.52 26.06
CA ASP B 327 28.85 -1.83 26.42
C ASP B 327 30.01 -2.84 26.44
N HIS B 328 29.80 -4.07 25.95
CA HIS B 328 30.82 -5.13 25.81
C HIS B 328 31.45 -5.51 27.16
N GLN B 329 30.86 -5.05 28.27
CA GLN B 329 31.34 -5.37 29.65
C GLN B 329 30.73 -6.71 30.07
N VAL B 330 31.58 -7.68 30.42
CA VAL B 330 31.17 -8.92 31.16
C VAL B 330 31.50 -8.68 32.63
N VAL B 331 30.48 -8.33 33.42
CA VAL B 331 30.60 -7.88 34.84
C VAL B 331 30.19 -9.04 35.77
N HIS B 332 30.87 -9.17 36.90
CA HIS B 332 30.56 -10.15 37.99
C HIS B 332 30.21 -9.38 39.28
N HIS B 333 29.13 -9.77 39.96
CA HIS B 333 28.60 -9.10 41.17
C HIS B 333 28.56 -10.08 42.35
N VAL B 334 28.94 -9.63 43.56
CA VAL B 334 28.67 -10.33 44.84
C VAL B 334 27.36 -9.76 45.41
N VAL B 335 26.44 -10.64 45.82
CA VAL B 335 25.02 -10.31 46.15
C VAL B 335 24.77 -10.62 47.62
N PRO B 336 24.37 -9.62 48.45
CA PRO B 336 24.06 -9.86 49.85
C PRO B 336 22.64 -10.44 50.05
C5 A1BLK C . -10.76 14.28 -25.60
C7 A1BLK C . -9.44 13.70 -25.88
C8 A1BLK C . -8.27 14.43 -25.71
N12 A1BLK C . -7.99 10.55 -27.06
C13 A1BLK C . -7.08 10.17 -28.16
C15 A1BLK C . -5.20 9.38 -28.63
C17 A1BLK C . -9.35 12.39 -26.35
C20 A1BLK C . -13.02 14.11 -29.99
C21 A1BLK C . -13.49 14.32 -31.43
C22 A1BLK C . -12.69 15.43 -32.06
C24 A1BLK C . -12.02 16.59 -34.04
C26 A1BLK C . -12.01 15.67 -36.26
C28 A1BLK C . -10.43 15.96 -38.18
O1 A1BLK C . -14.34 16.76 -26.81
C2 A1BLK C . -12.97 16.44 -27.01
C3 A1BLK C . -12.30 16.20 -25.66
N4 A1BLK C . -10.99 15.59 -25.89
O6 A1BLK C . -11.64 13.57 -25.14
C9 A1BLK C . -7.06 13.84 -25.99
N10 A1BLK C . -7.01 12.59 -26.43
C11 A1BLK C . -8.09 11.86 -26.62
C14 A1BLK C . -5.65 10.72 -28.03
C16 A1BLK C . -6.44 8.79 -27.95
C18 A1BLK C . -12.86 15.16 -27.86
N19 A1BLK C . -12.97 15.41 -29.31
C23 A1BLK C . -12.75 15.58 -33.42
O25 A1BLK C . -12.05 16.78 -35.38
C27 A1BLK C . -11.63 16.18 -37.61
N29 A1BLK C . -10.42 16.57 -39.37
N30 A1BLK C . -11.64 17.20 -39.55
C31 A1BLK C . -12.38 16.97 -38.49
C32 A1BLK C . -11.24 17.45 -33.29
C33 A1BLK C . -11.18 17.29 -31.91
C34 A1BLK C . -11.91 16.29 -31.30
C35 A1BLK C . -11.82 16.16 -29.81
CS MTA D . -14.45 18.26 -35.64
S5' MTA D . -14.50 19.41 -34.31
C5' MTA D . -15.77 20.45 -34.95
C4' MTA D . -15.33 21.20 -36.21
O4' MTA D . -16.36 22.13 -36.51
C2' MTA D . -14.56 23.40 -35.66
O2' MTA D . -13.67 24.45 -36.03
C3' MTA D . -14.05 22.02 -36.06
O3' MTA D . -13.37 22.07 -37.32
C1' MTA D . -15.88 23.47 -36.41
N9 MTA D . -16.88 24.29 -35.72
C8 MTA D . -17.17 24.30 -34.40
N7 MTA D . -18.15 25.20 -34.13
C5 MTA D . -18.49 25.78 -35.28
C6 MTA D . -19.44 26.82 -35.72
N6 MTA D . -20.26 27.44 -34.83
N1 MTA D . -19.49 27.14 -37.04
C2 MTA D . -18.69 26.54 -37.95
N3 MTA D . -17.79 25.60 -37.61
C4 MTA D . -17.65 25.18 -36.34
C1 GOL E . 14.24 -0.05 -9.23
O1 GOL E . 14.24 -0.73 -10.48
C2 GOL E . 12.91 0.59 -8.92
O2 GOL E . 11.88 -0.01 -9.71
C3 GOL E . 12.53 0.52 -7.45
O3 GOL E . 11.89 1.72 -6.99
C1 EDO F . -7.85 7.78 14.49
O1 EDO F . -8.45 7.11 15.59
C2 EDO F . -6.48 8.28 14.79
O2 EDO F . -5.65 8.45 13.66
C1 EDO G . -9.33 15.08 -44.88
O1 EDO G . -7.92 15.20 -44.71
C2 EDO G . -9.81 13.70 -44.65
O2 EDO G . -11.06 13.42 -45.26
#